data_7L4M
#
_entry.id   7L4M
#
_cell.length_a   171.924
_cell.length_b   70.981
_cell.length_c   104.087
_cell.angle_alpha   90.000
_cell.angle_beta   97.900
_cell.angle_gamma   90.000
#
_symmetry.space_group_name_H-M   'C 1 2 1'
#
loop_
_entity.id
_entity.type
_entity.pdbx_description
1 polymer 'DNA (cytosine-5)-methyltransferase DRM2'
2 polymer "DNA (5'-D(*TP*AP*AP*AP*GP*GP*AP*GP*GP*AP*GP*GP*AP*GP*GP*AP*AP*T)-3')"
3 polymer "DNA (5'-D(P*AP*TP*TP*CP*CP*TP*CP*CP*TP*(C49)P*CP*TP*CP*CP*TP*TP*TP*A)-3')"
4 non-polymer S-ADENOSYL-L-HOMOCYSTEINE
5 non-polymer "THYMIDINE-5'-PHOSPHATE"
6 water water
#
loop_
_entity_poly.entity_id
_entity_poly.type
_entity_poly.pdbx_seq_one_letter_code
_entity_poly.pdbx_strand_id
1 'polypeptide(L)'
;SVDDEPIRLPNPMIGFGVPNEPGLITHRSLPELARGPPFFYYENVALTPKGVWETISRHLFEIPPEFVDSKYFCVAARKR
GYIHNLPINNRFQIQPPPKYTIHDAFPLSKRWWPEWDKRTKLNCILTCTGSAQLTNRIRVALEPYNEEPEPPKHVQRYVI
DQCKKWNLVWVGKNKAAPLEPDEMESILGFPKNHTRGGGMSRTERFKSLGNSFQVDTVAYHLSVLKPIFPHGINVLSLFT
GIGGGEVALHRLQIKMKLVVSVEISKVNRNILKDFWEQTNQTGELIEFSDIQHLTNDTIEGLMEKYGGFDLVIGGSPCNN
LAGGNRVSRVGLEGDQSSLFFEYCRILEVVRARMRGS
;
B,A
2 'polydeoxyribonucleotide' (DT)(DA)(DA)(DA)(DG)(DG)(DA)(DG)(DG)(DA)(DG)(DG)(DA)(DG)(DG)(DA)(DA)(DT) C,E
3 'polydeoxyribonucleotide' (DA)(DT)(DT)(DC)(DC)(DT)(DC)(DC)(DT)(C49)(DC)(DT)(DC)(DC)(DT)(DT)(DT)(DA) D,G
#
loop_
_chem_comp.id
_chem_comp.type
_chem_comp.name
_chem_comp.formula
C49 DNA linking 4-THIO,5-FLUORO,5-METHYL-2'-DEOXY-CYTIDINE-5'-MONOPHOSPHATE 'C10 H15 F N3 O7 P S'
DA DNA linking 2'-DEOXYADENOSINE-5'-MONOPHOSPHATE 'C10 H14 N5 O6 P'
DC DNA linking 2'-DEOXYCYTIDINE-5'-MONOPHOSPHATE 'C9 H14 N3 O7 P'
DG DNA linking 2'-DEOXYGUANOSINE-5'-MONOPHOSPHATE 'C10 H14 N5 O7 P'
DT DNA linking THYMIDINE-5'-MONOPHOSPHATE 'C10 H15 N2 O8 P'
SAH non-polymer S-ADENOSYL-L-HOMOCYSTEINE 'C14 H20 N6 O5 S'
TMP non-polymer THYMIDINE-5'-PHOSPHATE 'C10 H15 N2 O8 P'
#
# COMPACT_ATOMS: atom_id res chain seq x y z
N PRO A 6 16.93 -8.96 5.88
CA PRO A 6 18.11 -8.75 5.04
C PRO A 6 18.21 -9.78 3.92
N ILE A 7 17.06 -10.23 3.43
CA ILE A 7 17.01 -11.30 2.45
C ILE A 7 17.76 -10.97 1.15
N ARG A 8 18.59 -11.92 0.73
CA ARG A 8 19.37 -11.76 -0.49
C ARG A 8 18.88 -12.71 -1.58
N LEU A 9 19.48 -12.61 -2.76
CA LEU A 9 19.08 -13.44 -3.89
C LEU A 9 19.88 -14.74 -3.91
N PRO A 10 19.20 -15.86 -4.18
CA PRO A 10 19.84 -17.18 -4.21
C PRO A 10 20.75 -17.36 -5.42
N ASN A 11 21.85 -18.09 -5.23
CA ASN A 11 22.77 -18.38 -6.32
C ASN A 11 23.14 -19.86 -6.31
N PRO A 12 22.65 -20.62 -7.32
CA PRO A 12 21.86 -20.12 -8.44
C PRO A 12 20.36 -19.99 -8.14
N MET A 13 19.63 -19.31 -9.02
CA MET A 13 18.19 -19.15 -8.86
C MET A 13 17.45 -20.42 -9.28
N ILE A 14 17.54 -21.46 -8.46
CA ILE A 14 16.83 -22.70 -8.74
C ILE A 14 15.56 -22.77 -7.90
N GLY A 15 15.42 -21.84 -6.96
CA GLY A 15 14.29 -21.83 -6.06
C GLY A 15 14.29 -23.04 -5.16
N PHE A 16 13.19 -23.78 -5.16
CA PHE A 16 13.09 -25.03 -4.44
C PHE A 16 13.45 -26.20 -5.36
N GLY A 17 14.01 -25.88 -6.52
CA GLY A 17 14.40 -26.89 -7.47
C GLY A 17 13.88 -26.62 -8.87
N VAL A 18 14.63 -27.08 -9.87
CA VAL A 18 14.24 -26.94 -11.27
C VAL A 18 14.60 -28.21 -12.04
N PRO A 19 13.81 -28.53 -13.08
CA PRO A 19 14.03 -29.74 -13.89
C PRO A 19 15.47 -29.85 -14.42
N ASN A 20 16.02 -31.05 -14.36
CA ASN A 20 17.35 -31.35 -14.88
C ASN A 20 18.46 -30.54 -14.21
N GLU A 21 18.25 -30.15 -12.96
CA GLU A 21 19.25 -29.40 -12.20
C GLU A 21 19.24 -29.82 -10.72
N PRO A 22 20.44 -29.98 -10.14
CA PRO A 22 20.60 -30.38 -8.73
C PRO A 22 20.14 -29.30 -7.76
N GLY A 23 20.11 -29.65 -6.47
CA GLY A 23 19.73 -28.71 -5.43
C GLY A 23 18.23 -28.61 -5.24
N LEU A 24 17.56 -29.76 -5.28
CA LEU A 24 16.11 -29.79 -5.16
C LEU A 24 15.67 -30.03 -3.72
N ILE A 25 14.63 -29.32 -3.31
CA ILE A 25 14.06 -29.47 -1.96
C ILE A 25 12.59 -29.85 -2.06
N THR A 26 12.17 -30.82 -1.25
CA THR A 26 10.82 -31.36 -1.36
C THR A 26 9.86 -30.90 -0.26
N HIS A 27 10.37 -30.11 0.69
CA HIS A 27 9.53 -29.66 1.80
C HIS A 27 10.02 -28.35 2.40
N ARG A 28 9.09 -27.60 3.01
CA ARG A 28 9.43 -26.34 3.66
C ARG A 28 8.54 -26.10 4.88
N SER A 29 9.03 -25.28 5.80
CA SER A 29 8.26 -24.95 7.01
C SER A 29 7.39 -23.72 6.77
N LEU A 30 6.17 -23.93 6.31
CA LEU A 30 5.24 -22.85 6.03
C LEU A 30 4.50 -22.46 7.30
N PRO A 31 4.50 -21.16 7.63
CA PRO A 31 3.84 -20.64 8.83
C PRO A 31 2.34 -20.97 8.86
N GLU A 32 1.79 -21.12 10.06
CA GLU A 32 0.41 -21.54 10.25
C GLU A 32 -0.60 -20.54 9.69
N LEU A 33 -0.29 -19.26 9.80
CA LEU A 33 -1.20 -18.20 9.37
C LEU A 33 -1.40 -18.21 7.84
N ALA A 34 -0.41 -18.70 7.12
CA ALA A 34 -0.44 -18.68 5.66
C ALA A 34 -1.11 -19.94 5.09
N ARG A 35 -1.57 -20.81 5.98
CA ARG A 35 -2.20 -22.06 5.55
C ARG A 35 -3.52 -21.81 4.83
N GLY A 36 -3.68 -22.44 3.67
CA GLY A 36 -4.91 -22.33 2.91
C GLY A 36 -6.03 -23.16 3.54
N PRO A 37 -7.21 -23.17 2.90
CA PRO A 37 -7.57 -22.49 1.66
C PRO A 37 -7.75 -20.99 1.85
N PRO A 38 -7.66 -20.20 0.76
CA PRO A 38 -7.35 -20.63 -0.61
C PRO A 38 -5.86 -20.62 -0.92
N PHE A 39 -5.49 -21.26 -2.02
CA PHE A 39 -4.12 -21.19 -2.53
C PHE A 39 -3.92 -19.89 -3.30
N PHE A 40 -2.86 -19.17 -2.98
CA PHE A 40 -2.54 -17.95 -3.72
C PHE A 40 -1.14 -18.06 -4.33
N TYR A 41 -0.94 -17.36 -5.45
CA TYR A 41 0.31 -17.42 -6.18
C TYR A 41 0.66 -16.03 -6.71
N TYR A 42 1.74 -15.45 -6.19
CA TYR A 42 2.12 -14.10 -6.56
C TYR A 42 3.46 -14.07 -7.29
N GLU A 43 3.52 -13.30 -8.37
CA GLU A 43 4.73 -13.18 -9.18
C GLU A 43 5.16 -11.72 -9.32
N ASN A 44 6.47 -11.49 -9.28
CA ASN A 44 7.02 -10.17 -9.57
C ASN A 44 8.52 -10.23 -9.90
N VAL A 45 9.07 -9.08 -10.30
CA VAL A 45 10.48 -8.98 -10.64
C VAL A 45 11.37 -9.27 -9.45
N ALA A 46 12.43 -10.04 -9.67
CA ALA A 46 13.40 -10.31 -8.61
C ALA A 46 14.20 -9.06 -8.26
N LEU A 47 14.86 -8.48 -9.26
CA LEU A 47 15.69 -7.28 -9.03
C LEU A 47 14.85 -6.04 -8.80
N THR A 48 14.56 -5.76 -7.53
CA THR A 48 13.77 -4.60 -7.15
C THR A 48 14.61 -3.62 -6.33
N PRO A 49 14.11 -2.38 -6.15
CA PRO A 49 14.77 -1.48 -5.19
C PRO A 49 14.84 -2.09 -3.79
N LYS A 50 15.77 -1.60 -2.97
CA LYS A 50 15.98 -2.16 -1.65
C LYS A 50 14.75 -2.02 -0.75
N GLY A 51 14.36 -3.12 -0.13
CA GLY A 51 13.27 -3.11 0.83
C GLY A 51 11.89 -3.35 0.24
N VAL A 52 11.84 -3.81 -0.99
CA VAL A 52 10.56 -4.05 -1.67
C VAL A 52 10.00 -5.44 -1.35
N TRP A 53 10.80 -6.47 -1.61
CA TRP A 53 10.35 -7.84 -1.35
C TRP A 53 10.14 -8.09 0.15
N GLU A 54 10.87 -7.34 0.98
CA GLU A 54 10.69 -7.42 2.43
C GLU A 54 9.30 -6.95 2.82
N THR A 55 8.82 -5.92 2.15
CA THR A 55 7.49 -5.37 2.40
C THR A 55 6.40 -6.27 1.82
N ILE A 56 6.64 -6.76 0.61
CA ILE A 56 5.70 -7.64 -0.06
C ILE A 56 5.47 -8.93 0.72
N SER A 57 6.56 -9.57 1.14
CA SER A 57 6.48 -10.82 1.88
C SER A 57 5.81 -10.61 3.24
N ARG A 58 6.03 -9.45 3.83
CA ARG A 58 5.45 -9.12 5.13
C ARG A 58 3.93 -9.11 5.09
N HIS A 59 3.37 -8.50 4.04
CA HIS A 59 1.92 -8.43 3.88
C HIS A 59 1.35 -9.78 3.44
N LEU A 60 2.19 -10.60 2.82
CA LEU A 60 1.78 -11.94 2.42
C LEU A 60 2.18 -12.98 3.48
N PHE A 61 1.91 -12.65 4.73
CA PHE A 61 2.02 -13.59 5.85
C PHE A 61 3.45 -14.07 6.08
N GLU A 62 4.42 -13.20 5.77
CA GLU A 62 5.83 -13.46 6.03
C GLU A 62 6.35 -14.73 5.36
N ILE A 63 5.87 -14.99 4.15
CA ILE A 63 6.34 -16.13 3.36
C ILE A 63 7.59 -15.77 2.59
N PRO A 64 8.70 -16.50 2.82
CA PRO A 64 9.94 -16.28 2.07
C PRO A 64 9.75 -16.59 0.59
N PRO A 65 10.05 -15.61 -0.28
CA PRO A 65 9.88 -15.71 -1.73
C PRO A 65 10.75 -16.81 -2.36
N GLU A 66 10.24 -17.42 -3.43
CA GLU A 66 11.02 -18.38 -4.20
C GLU A 66 11.50 -17.75 -5.50
N PHE A 67 12.77 -17.37 -5.54
CA PHE A 67 13.34 -16.74 -6.71
C PHE A 67 13.78 -17.78 -7.73
N VAL A 68 13.25 -17.67 -8.95
CA VAL A 68 13.59 -18.61 -10.03
C VAL A 68 13.93 -17.88 -11.32
N ASP A 69 15.09 -18.19 -11.88
CA ASP A 69 15.46 -17.71 -13.20
C ASP A 69 14.90 -18.64 -14.25
N SER A 70 14.10 -18.11 -15.16
CA SER A 70 13.42 -18.94 -16.16
C SER A 70 14.36 -19.46 -17.24
N LYS A 71 15.66 -19.21 -17.09
CA LYS A 71 16.64 -19.72 -18.03
C LYS A 71 16.77 -21.23 -17.90
N TYR A 72 16.29 -21.78 -16.79
CA TYR A 72 16.29 -23.22 -16.58
C TYR A 72 15.07 -23.87 -17.20
N PHE A 73 14.28 -23.08 -17.92
CA PHE A 73 13.09 -23.58 -18.59
C PHE A 73 13.12 -23.27 -20.09
N CYS A 74 13.13 -21.98 -20.42
CA CYS A 74 13.19 -21.56 -21.82
C CYS A 74 14.58 -21.08 -22.21
N VAL A 75 14.70 -20.53 -23.41
CA VAL A 75 15.98 -20.08 -23.93
C VAL A 75 16.33 -18.67 -23.41
N ALA A 76 15.31 -17.94 -22.97
CA ALA A 76 15.52 -16.58 -22.51
C ALA A 76 15.60 -16.50 -20.99
N ALA A 77 16.39 -15.56 -20.49
CA ALA A 77 16.51 -15.35 -19.06
C ALA A 77 15.30 -14.58 -18.54
N ARG A 78 14.95 -14.83 -17.27
CA ARG A 78 13.82 -14.14 -16.65
C ARG A 78 13.85 -14.35 -15.13
N LYS A 79 14.58 -13.48 -14.44
CA LYS A 79 14.75 -13.61 -13.00
C LYS A 79 13.54 -13.07 -12.26
N ARG A 80 12.70 -13.99 -11.79
CA ARG A 80 11.44 -13.62 -11.14
C ARG A 80 11.35 -14.18 -9.72
N GLY A 81 10.57 -13.51 -8.88
CA GLY A 81 10.34 -13.96 -7.52
C GLY A 81 8.89 -14.37 -7.31
N TYR A 82 8.69 -15.55 -6.74
CA TYR A 82 7.33 -16.07 -6.54
C TYR A 82 7.02 -16.33 -5.07
N ILE A 83 5.86 -15.86 -4.63
CA ILE A 83 5.37 -16.11 -3.28
C ILE A 83 4.07 -16.90 -3.34
N HIS A 84 4.03 -18.04 -2.66
CA HIS A 84 2.87 -18.91 -2.70
C HIS A 84 2.81 -19.85 -1.50
N ASN A 85 1.65 -20.47 -1.29
CA ASN A 85 1.46 -21.43 -0.22
C ASN A 85 1.17 -22.83 -0.75
N LEU A 86 1.84 -23.19 -1.83
CA LEU A 86 1.63 -24.48 -2.47
C LEU A 86 2.67 -25.51 -1.99
N PRO A 87 2.31 -26.80 -2.04
CA PRO A 87 3.28 -27.85 -1.75
C PRO A 87 4.37 -27.93 -2.81
N ILE A 88 5.59 -28.27 -2.40
CA ILE A 88 6.71 -28.36 -3.32
C ILE A 88 6.89 -29.77 -3.87
N ASN A 89 6.52 -30.75 -3.05
CA ASN A 89 6.70 -32.15 -3.41
C ASN A 89 5.90 -32.56 -4.64
N ASN A 90 6.42 -33.55 -5.36
CA ASN A 90 5.75 -34.13 -6.52
C ASN A 90 5.41 -33.12 -7.62
N ARG A 91 6.39 -32.29 -7.97
CA ARG A 91 6.25 -31.39 -9.10
C ARG A 91 6.62 -32.10 -10.39
N PHE A 92 5.92 -31.78 -11.48
CA PHE A 92 6.31 -32.26 -12.80
C PHE A 92 6.26 -31.11 -13.80
N GLN A 93 6.89 -31.30 -14.95
CA GLN A 93 7.00 -30.23 -15.93
C GLN A 93 6.01 -30.38 -17.08
N ILE A 94 6.06 -29.42 -18.01
CA ILE A 94 5.11 -29.36 -19.11
C ILE A 94 5.67 -30.06 -20.35
N GLN A 95 4.77 -30.52 -21.22
CA GLN A 95 5.17 -31.16 -22.47
C GLN A 95 4.73 -30.31 -23.66
N PRO A 96 5.55 -30.25 -24.72
CA PRO A 96 6.84 -30.92 -24.87
C PRO A 96 7.97 -30.17 -24.17
N PRO A 97 9.14 -30.81 -23.99
CA PRO A 97 10.30 -30.12 -23.41
C PRO A 97 10.69 -28.91 -24.24
N PRO A 98 11.05 -27.80 -23.58
CA PRO A 98 11.34 -26.52 -24.24
C PRO A 98 12.74 -26.46 -24.83
N LYS A 99 12.94 -25.56 -25.80
CA LYS A 99 14.26 -25.35 -26.39
C LYS A 99 15.12 -24.51 -25.45
N TYR A 100 16.17 -25.13 -24.91
CA TYR A 100 16.99 -24.49 -23.88
C TYR A 100 18.02 -23.52 -24.46
N THR A 101 18.67 -23.92 -25.55
CA THR A 101 19.72 -23.09 -26.14
C THR A 101 19.26 -22.43 -27.44
N ILE A 102 19.98 -21.37 -27.83
CA ILE A 102 19.67 -20.63 -29.05
C ILE A 102 19.78 -21.54 -30.29
N HIS A 103 20.70 -22.50 -30.22
CA HIS A 103 20.88 -23.46 -31.30
C HIS A 103 19.63 -24.28 -31.56
N ASP A 104 18.86 -24.52 -30.51
CA ASP A 104 17.65 -25.34 -30.61
C ASP A 104 16.42 -24.49 -30.92
N ALA A 105 16.34 -23.33 -30.30
CA ALA A 105 15.19 -22.44 -30.48
C ALA A 105 15.20 -21.78 -31.86
N PHE A 106 16.38 -21.52 -32.38
CA PHE A 106 16.51 -20.88 -33.69
C PHE A 106 17.39 -21.69 -34.63
N PRO A 107 16.81 -22.72 -35.26
CA PRO A 107 17.54 -23.60 -36.18
C PRO A 107 17.98 -22.89 -37.46
N LEU A 108 17.12 -22.02 -37.98
CA LEU A 108 17.38 -21.34 -39.24
C LEU A 108 18.37 -20.20 -39.11
N SER A 109 18.77 -19.91 -37.88
CA SER A 109 19.68 -18.79 -37.62
C SER A 109 21.14 -19.21 -37.66
N LYS A 110 21.40 -20.51 -37.53
CA LYS A 110 22.77 -21.02 -37.45
C LYS A 110 23.51 -20.94 -38.77
N ARG A 111 22.78 -20.72 -39.85
CA ARG A 111 23.40 -20.53 -41.16
C ARG A 111 24.00 -19.13 -41.24
N TRP A 112 23.45 -18.21 -40.45
CA TRP A 112 23.88 -16.82 -40.48
C TRP A 112 24.63 -16.41 -39.21
N TRP A 113 24.62 -17.28 -38.21
CA TRP A 113 25.22 -16.95 -36.92
C TRP A 113 26.75 -16.91 -37.01
N PRO A 114 27.33 -15.75 -36.67
CA PRO A 114 28.79 -15.56 -36.70
C PRO A 114 29.51 -16.49 -35.73
N GLU A 115 30.74 -16.86 -36.06
CA GLU A 115 31.54 -17.72 -35.19
C GLU A 115 32.12 -16.92 -34.03
N TRP A 116 32.02 -15.59 -34.11
CA TRP A 116 32.56 -14.72 -33.09
C TRP A 116 31.47 -14.17 -32.17
N ASP A 117 30.34 -14.85 -32.13
CA ASP A 117 29.25 -14.48 -31.23
C ASP A 117 29.00 -15.61 -30.22
N LYS A 118 29.61 -15.48 -29.05
CA LYS A 118 29.54 -16.53 -28.04
C LYS A 118 28.32 -16.40 -27.15
N ARG A 119 27.14 -16.62 -27.72
CA ARG A 119 25.89 -16.62 -26.95
C ARG A 119 25.14 -17.93 -27.12
N THR A 120 24.65 -18.45 -26.00
CA THR A 120 23.84 -19.67 -26.02
C THR A 120 22.53 -19.44 -25.28
N LYS A 121 22.33 -18.20 -24.84
CA LYS A 121 21.16 -17.83 -24.07
C LYS A 121 20.74 -16.40 -24.39
N LEU A 122 19.43 -16.16 -24.43
CA LEU A 122 18.92 -14.80 -24.65
C LEU A 122 18.72 -14.10 -23.31
N ASN A 123 18.58 -12.78 -23.36
CA ASN A 123 18.28 -12.01 -22.17
C ASN A 123 16.78 -11.94 -21.93
N CYS A 124 16.35 -11.04 -21.05
CA CYS A 124 14.95 -10.95 -20.69
C CYS A 124 14.11 -10.29 -21.78
N ILE A 125 12.99 -10.91 -22.12
CA ILE A 125 12.07 -10.36 -23.10
C ILE A 125 11.28 -9.21 -22.47
N LEU A 126 11.56 -8.00 -22.91
CA LEU A 126 10.94 -6.81 -22.33
C LEU A 126 9.82 -6.27 -23.21
N THR A 127 9.29 -5.11 -22.84
CA THR A 127 8.19 -4.50 -23.59
C THR A 127 8.68 -3.80 -24.85
N CYS A 128 9.91 -3.30 -24.82
CA CYS A 128 10.49 -2.64 -25.98
C CYS A 128 11.41 -3.57 -26.75
N THR A 129 11.35 -3.50 -28.07
CA THR A 129 12.18 -4.34 -28.92
C THR A 129 13.07 -3.50 -29.83
N GLY A 130 14.00 -4.16 -30.52
CA GLY A 130 14.91 -3.48 -31.42
C GLY A 130 14.21 -2.88 -32.63
N SER A 131 14.83 -1.86 -33.20
CA SER A 131 14.27 -1.16 -34.36
C SER A 131 14.63 -1.89 -35.66
N ALA A 132 13.82 -1.66 -36.70
CA ALA A 132 14.07 -2.26 -38.00
C ALA A 132 15.05 -1.43 -38.80
N GLN A 133 15.52 -0.34 -38.22
CA GLN A 133 16.56 0.48 -38.83
C GLN A 133 17.87 0.34 -38.05
N LEU A 134 17.77 -0.23 -36.85
CA LEU A 134 18.94 -0.55 -36.06
C LEU A 134 19.67 -1.72 -36.71
N THR A 135 18.92 -2.59 -37.35
CA THR A 135 19.48 -3.74 -38.03
C THR A 135 20.15 -3.34 -39.34
N ASN A 136 19.75 -2.19 -39.88
CA ASN A 136 20.36 -1.65 -41.08
C ASN A 136 21.72 -1.03 -40.76
N ARG A 137 21.84 -0.44 -39.59
CA ARG A 137 23.08 0.19 -39.15
C ARG A 137 24.16 -0.85 -38.88
N ILE A 138 23.74 -2.08 -38.59
CA ILE A 138 24.66 -3.17 -38.32
C ILE A 138 25.12 -3.83 -39.62
N ARG A 139 24.20 -3.98 -40.56
CA ARG A 139 24.48 -4.63 -41.83
C ARG A 139 25.49 -3.82 -42.66
N VAL A 140 25.35 -2.51 -42.64
CA VAL A 140 26.24 -1.64 -43.40
C VAL A 140 27.61 -1.52 -42.73
N ALA A 141 27.69 -1.98 -41.48
CA ALA A 141 28.93 -1.94 -40.72
C ALA A 141 29.66 -3.28 -40.77
N LEU A 142 28.96 -4.31 -41.23
CA LEU A 142 29.55 -5.64 -41.35
C LEU A 142 29.80 -6.02 -42.80
N GLU A 143 29.21 -5.24 -43.71
CA GLU A 143 29.35 -5.49 -45.14
C GLU A 143 30.79 -5.33 -45.68
N PRO A 144 31.52 -4.27 -45.25
CA PRO A 144 32.88 -4.14 -45.80
C PRO A 144 33.82 -5.29 -45.41
N TYR A 145 33.65 -5.83 -44.21
CA TYR A 145 34.54 -6.87 -43.71
C TYR A 145 33.99 -8.27 -43.98
N ASN A 146 33.24 -8.39 -45.08
CA ASN A 146 32.58 -9.66 -45.42
C ASN A 146 33.55 -10.66 -46.03
N GLU A 147 34.62 -10.16 -46.64
CA GLU A 147 35.61 -11.04 -47.28
C GLU A 147 36.48 -11.75 -46.26
N GLU A 148 36.66 -11.13 -45.10
CA GLU A 148 37.49 -11.71 -44.04
C GLU A 148 36.63 -12.40 -42.98
N PRO A 149 37.17 -13.44 -42.35
CA PRO A 149 36.46 -14.23 -41.32
C PRO A 149 35.91 -13.38 -40.16
N GLU A 150 36.66 -12.37 -39.73
CA GLU A 150 36.23 -11.56 -38.59
C GLU A 150 36.45 -10.07 -38.79
N PRO A 151 35.47 -9.25 -38.35
CA PRO A 151 35.55 -7.78 -38.33
C PRO A 151 36.46 -7.28 -37.21
N PRO A 152 36.91 -6.02 -37.29
CA PRO A 152 37.72 -5.42 -36.22
C PRO A 152 37.03 -5.47 -34.86
N LYS A 153 37.82 -5.40 -33.79
CA LYS A 153 37.29 -5.56 -32.44
C LYS A 153 36.39 -4.41 -32.01
N HIS A 154 36.67 -3.20 -32.49
CA HIS A 154 35.88 -2.04 -32.11
C HIS A 154 34.50 -2.10 -32.78
N VAL A 155 34.45 -2.66 -33.98
CA VAL A 155 33.19 -2.91 -34.65
C VAL A 155 32.51 -4.11 -34.00
N GLN A 156 33.32 -5.09 -33.64
CA GLN A 156 32.84 -6.31 -33.00
C GLN A 156 32.18 -6.00 -31.66
N ARG A 157 32.76 -5.06 -30.92
CA ARG A 157 32.20 -4.65 -29.63
C ARG A 157 30.89 -3.90 -29.82
N TYR A 158 30.77 -3.17 -30.92
CA TYR A 158 29.57 -2.40 -31.23
C TYR A 158 28.35 -3.29 -31.44
N VAL A 159 28.46 -4.24 -32.35
CA VAL A 159 27.34 -5.10 -32.70
C VAL A 159 26.90 -5.99 -31.54
N ILE A 160 27.87 -6.56 -30.83
CA ILE A 160 27.59 -7.44 -29.70
C ILE A 160 26.80 -6.73 -28.61
N ASP A 161 27.24 -5.52 -28.25
CA ASP A 161 26.57 -4.74 -27.23
C ASP A 161 25.15 -4.36 -27.64
N GLN A 162 24.95 -4.14 -28.94
CA GLN A 162 23.63 -3.83 -29.46
C GLN A 162 22.74 -5.05 -29.49
N CYS A 163 23.32 -6.22 -29.76
CA CYS A 163 22.58 -7.47 -29.83
C CYS A 163 22.08 -7.89 -28.45
N LYS A 164 22.95 -7.81 -27.46
CA LYS A 164 22.59 -8.21 -26.09
C LYS A 164 21.56 -7.27 -25.48
N LYS A 165 21.55 -6.03 -25.96
CA LYS A 165 20.65 -5.02 -25.41
C LYS A 165 19.21 -5.20 -25.90
N TRP A 166 19.05 -5.50 -27.18
CA TRP A 166 17.72 -5.61 -27.78
C TRP A 166 17.34 -7.06 -28.12
N ASN A 167 18.19 -8.00 -27.72
CA ASN A 167 17.98 -9.42 -28.00
C ASN A 167 17.75 -9.69 -29.49
N LEU A 168 18.80 -9.47 -30.28
CA LEU A 168 18.71 -9.65 -31.72
C LEU A 168 19.12 -11.06 -32.14
N VAL A 169 18.50 -11.57 -33.20
CA VAL A 169 18.87 -12.85 -33.77
C VAL A 169 19.21 -12.70 -35.25
N TRP A 170 20.13 -13.52 -35.73
CA TRP A 170 20.57 -13.44 -37.11
C TRP A 170 19.62 -14.21 -38.04
N VAL A 171 19.07 -13.51 -39.03
CA VAL A 171 18.08 -14.10 -39.92
C VAL A 171 18.55 -14.11 -41.38
N GLY A 172 19.63 -13.39 -41.66
CA GLY A 172 20.18 -13.32 -43.00
C GLY A 172 21.64 -12.93 -43.00
N LYS A 173 22.20 -12.75 -44.19
CA LYS A 173 23.60 -12.34 -44.33
C LYS A 173 23.82 -10.97 -43.69
N ASN A 174 24.59 -10.95 -42.60
CA ASN A 174 24.87 -9.74 -41.84
C ASN A 174 23.59 -9.04 -41.36
N LYS A 175 22.52 -9.81 -41.23
CA LYS A 175 21.23 -9.26 -40.83
C LYS A 175 20.81 -9.76 -39.46
N ALA A 176 20.89 -8.88 -38.46
CA ALA A 176 20.46 -9.22 -37.11
C ALA A 176 19.16 -8.50 -36.78
N ALA A 177 18.05 -9.23 -36.91
CA ALA A 177 16.73 -8.67 -36.67
C ALA A 177 16.22 -9.03 -35.27
N PRO A 178 15.39 -8.15 -34.69
CA PRO A 178 14.77 -8.44 -33.38
C PRO A 178 13.78 -9.60 -33.46
N LEU A 179 13.31 -10.06 -32.31
CA LEU A 179 12.39 -11.18 -32.26
C LEU A 179 11.00 -10.81 -32.78
N GLU A 180 10.35 -11.77 -33.43
CA GLU A 180 8.98 -11.60 -33.88
C GLU A 180 8.02 -12.07 -32.78
N PRO A 181 6.82 -11.45 -32.70
CA PRO A 181 5.82 -11.78 -31.69
C PRO A 181 5.50 -13.28 -31.61
N ASP A 182 5.40 -13.94 -32.76
CA ASP A 182 5.10 -15.36 -32.79
C ASP A 182 6.22 -16.16 -32.14
N GLU A 183 7.44 -15.63 -32.19
CA GLU A 183 8.58 -16.28 -31.57
C GLU A 183 8.64 -15.97 -30.08
N MET A 184 8.25 -14.76 -29.69
CA MET A 184 8.17 -14.39 -28.29
C MET A 184 7.14 -15.25 -27.55
N GLU A 185 5.99 -15.44 -28.18
CA GLU A 185 4.95 -16.30 -27.64
C GLU A 185 5.45 -17.72 -27.49
N SER A 186 6.21 -18.18 -28.49
CA SER A 186 6.73 -19.54 -28.50
C SER A 186 7.77 -19.75 -27.39
N ILE A 187 8.53 -18.71 -27.07
CA ILE A 187 9.55 -18.79 -26.03
C ILE A 187 8.90 -18.77 -24.65
N LEU A 188 7.90 -17.92 -24.47
CA LEU A 188 7.23 -17.77 -23.18
C LEU A 188 6.30 -18.95 -22.88
N GLY A 189 5.96 -19.73 -23.90
CA GLY A 189 5.12 -20.90 -23.72
C GLY A 189 3.74 -20.76 -24.33
N PHE A 190 3.38 -19.52 -24.67
CA PHE A 190 2.10 -19.26 -25.33
C PHE A 190 2.06 -19.86 -26.72
N PRO A 191 0.86 -20.23 -27.19
CA PRO A 191 0.71 -20.69 -28.57
C PRO A 191 0.96 -19.56 -29.56
N LYS A 192 1.29 -19.88 -30.81
CA LYS A 192 1.57 -18.86 -31.80
C LYS A 192 0.29 -18.09 -32.16
N ASN A 193 0.46 -16.80 -32.44
CA ASN A 193 -0.64 -15.90 -32.77
C ASN A 193 -1.66 -15.80 -31.63
N HIS A 194 -1.18 -15.96 -30.41
CA HIS A 194 -2.02 -15.86 -29.22
C HIS A 194 -2.41 -14.41 -28.97
N THR A 195 -1.55 -13.49 -29.38
CA THR A 195 -1.79 -12.06 -29.17
C THR A 195 -2.00 -11.32 -30.49
N ARG A 196 -2.09 -12.07 -31.58
CA ARG A 196 -2.23 -11.48 -32.91
C ARG A 196 -3.57 -10.80 -33.14
N GLY A 197 -4.65 -11.45 -32.70
CA GLY A 197 -5.99 -10.98 -32.97
C GLY A 197 -6.35 -9.65 -32.35
N GLY A 198 -7.49 -9.10 -32.77
CA GLY A 198 -8.01 -7.87 -32.20
C GLY A 198 -7.49 -6.62 -32.87
N GLY A 199 -6.80 -6.80 -34.00
CA GLY A 199 -6.19 -5.68 -34.70
C GLY A 199 -5.13 -5.01 -33.86
N MET A 200 -4.51 -5.80 -32.98
CA MET A 200 -3.46 -5.28 -32.11
C MET A 200 -2.25 -4.83 -32.89
N SER A 201 -1.73 -3.66 -32.56
CA SER A 201 -0.53 -3.14 -33.20
C SER A 201 0.69 -3.95 -32.76
N ARG A 202 1.72 -3.94 -33.59
CA ARG A 202 2.94 -4.69 -33.32
C ARG A 202 3.60 -4.24 -32.02
N THR A 203 3.53 -2.94 -31.75
CA THR A 203 4.10 -2.36 -30.53
C THR A 203 3.35 -2.87 -29.28
N GLU A 204 2.03 -2.83 -29.34
CA GLU A 204 1.21 -3.23 -28.19
C GLU A 204 1.31 -4.73 -27.90
N ARG A 205 1.65 -5.53 -28.91
CA ARG A 205 1.86 -6.95 -28.70
C ARG A 205 3.10 -7.18 -27.86
N PHE A 206 4.14 -6.39 -28.12
CA PHE A 206 5.39 -6.48 -27.37
C PHE A 206 5.22 -6.05 -25.92
N LYS A 207 4.41 -5.01 -25.71
CA LYS A 207 4.18 -4.48 -24.37
C LYS A 207 3.39 -5.47 -23.52
N SER A 208 2.49 -6.21 -24.16
CA SER A 208 1.67 -7.20 -23.45
C SER A 208 2.41 -8.52 -23.31
N LEU A 209 3.51 -8.69 -24.05
CA LEU A 209 4.32 -9.89 -23.96
C LEU A 209 5.46 -9.71 -22.98
N GLY A 210 5.97 -8.49 -22.87
CA GLY A 210 6.99 -8.17 -21.88
C GLY A 210 6.41 -8.36 -20.49
N ASN A 211 5.28 -7.71 -20.24
CA ASN A 211 4.52 -7.93 -19.01
C ASN A 211 3.77 -9.25 -19.09
N SER A 212 4.44 -10.35 -18.76
CA SER A 212 3.83 -11.67 -18.88
C SER A 212 4.56 -12.75 -18.07
N PHE A 213 3.89 -13.87 -17.88
CA PHE A 213 4.49 -15.02 -17.19
C PHE A 213 5.33 -15.86 -18.14
N GLN A 214 6.20 -16.68 -17.56
CA GLN A 214 6.82 -17.75 -18.31
C GLN A 214 6.01 -19.02 -18.03
N VAL A 215 5.21 -19.43 -19.01
CA VAL A 215 4.25 -20.52 -18.83
C VAL A 215 4.92 -21.80 -18.33
N ASP A 216 6.06 -22.16 -18.91
CA ASP A 216 6.77 -23.36 -18.50
C ASP A 216 7.18 -23.32 -17.04
N THR A 217 7.53 -22.13 -16.56
CA THR A 217 7.93 -21.95 -15.17
C THR A 217 6.73 -22.00 -14.23
N VAL A 218 5.70 -21.23 -14.55
CA VAL A 218 4.51 -21.14 -13.70
C VAL A 218 3.78 -22.47 -13.61
N ALA A 219 3.61 -23.14 -14.75
CA ALA A 219 2.91 -24.42 -14.80
C ALA A 219 3.67 -25.48 -14.01
N TYR A 220 4.98 -25.34 -13.93
CA TYR A 220 5.82 -26.26 -13.17
C TYR A 220 5.46 -26.19 -11.68
N HIS A 221 5.14 -24.99 -11.21
CA HIS A 221 4.75 -24.78 -9.82
C HIS A 221 3.30 -25.19 -9.58
N LEU A 222 2.44 -24.94 -10.56
CA LEU A 222 1.01 -25.24 -10.43
C LEU A 222 0.69 -26.69 -10.76
N SER A 223 1.72 -27.47 -11.09
CA SER A 223 1.53 -28.87 -11.46
C SER A 223 1.09 -29.71 -10.27
N VAL A 224 1.25 -29.18 -9.06
CA VAL A 224 0.89 -29.90 -7.85
C VAL A 224 -0.61 -29.78 -7.54
N LEU A 225 -1.38 -29.31 -8.51
CA LEU A 225 -2.81 -29.10 -8.31
C LEU A 225 -3.67 -30.06 -9.14
N LYS A 226 -3.04 -30.79 -10.05
CA LYS A 226 -3.77 -31.70 -10.94
C LYS A 226 -4.37 -32.92 -10.21
N PRO A 227 -3.58 -33.64 -9.38
CA PRO A 227 -4.19 -34.82 -8.78
C PRO A 227 -5.10 -34.52 -7.59
N ILE A 228 -4.88 -33.39 -6.93
CA ILE A 228 -5.65 -33.02 -5.75
C ILE A 228 -7.01 -32.42 -6.14
N PHE A 229 -7.07 -31.81 -7.32
CA PHE A 229 -8.33 -31.28 -7.85
C PHE A 229 -8.75 -32.00 -9.12
N PRO A 230 -9.32 -33.21 -8.97
CA PRO A 230 -9.69 -34.04 -10.13
C PRO A 230 -10.85 -33.47 -10.93
N HIS A 231 -11.75 -32.75 -10.26
CA HIS A 231 -12.97 -32.26 -10.90
C HIS A 231 -12.77 -30.87 -11.52
N GLY A 232 -11.67 -30.22 -11.16
CA GLY A 232 -11.37 -28.89 -11.67
C GLY A 232 -11.17 -27.87 -10.57
N ILE A 233 -10.96 -26.61 -10.97
CA ILE A 233 -10.72 -25.54 -10.00
C ILE A 233 -11.46 -24.26 -10.36
N ASN A 234 -11.65 -23.40 -9.36
CA ASN A 234 -12.18 -22.05 -9.56
C ASN A 234 -11.08 -21.03 -9.35
N VAL A 235 -10.70 -20.33 -10.42
CA VAL A 235 -9.56 -19.43 -10.37
C VAL A 235 -9.98 -17.96 -10.28
N LEU A 236 -9.26 -17.20 -9.46
CA LEU A 236 -9.41 -15.75 -9.41
C LEU A 236 -8.07 -15.10 -9.77
N SER A 237 -7.92 -14.67 -11.02
CA SER A 237 -6.66 -14.09 -11.47
C SER A 237 -6.70 -12.57 -11.48
N LEU A 238 -5.78 -11.95 -10.75
CA LEU A 238 -5.65 -10.50 -10.72
C LEU A 238 -4.51 -10.07 -11.62
N PHE A 239 -4.71 -8.96 -12.35
CA PHE A 239 -3.74 -8.50 -13.35
C PHE A 239 -3.44 -9.63 -14.31
N THR A 240 -4.48 -10.19 -14.92
CA THR A 240 -4.36 -11.40 -15.71
C THR A 240 -3.56 -11.21 -17.00
N GLY A 241 -3.53 -9.99 -17.52
CA GLY A 241 -2.80 -9.67 -18.73
C GLY A 241 -3.26 -10.45 -19.94
N ILE A 242 -2.39 -11.28 -20.48
CA ILE A 242 -2.72 -12.11 -21.64
C ILE A 242 -3.03 -13.54 -21.21
N GLY A 243 -3.27 -13.72 -19.93
CA GLY A 243 -3.65 -15.01 -19.39
C GLY A 243 -2.51 -15.99 -19.24
N GLY A 244 -1.47 -15.58 -18.53
CA GLY A 244 -0.31 -16.42 -18.30
C GLY A 244 -0.63 -17.64 -17.46
N GLY A 245 -1.41 -17.44 -16.39
CA GLY A 245 -1.78 -18.51 -15.50
C GLY A 245 -2.83 -19.44 -16.10
N GLU A 246 -3.66 -18.89 -16.97
CA GLU A 246 -4.73 -19.65 -17.61
C GLU A 246 -4.18 -20.61 -18.66
N VAL A 247 -3.23 -20.14 -19.45
CA VAL A 247 -2.58 -20.98 -20.45
C VAL A 247 -1.79 -22.09 -19.77
N ALA A 248 -1.19 -21.76 -18.64
CA ALA A 248 -0.43 -22.74 -17.86
C ALA A 248 -1.32 -23.90 -17.40
N LEU A 249 -2.47 -23.56 -16.84
CA LEU A 249 -3.42 -24.56 -16.37
C LEU A 249 -4.00 -25.39 -17.51
N HIS A 250 -4.16 -24.74 -18.66
CA HIS A 250 -4.70 -25.41 -19.85
C HIS A 250 -3.77 -26.52 -20.34
N ARG A 251 -2.48 -26.23 -20.36
CA ARG A 251 -1.49 -27.20 -20.82
C ARG A 251 -1.18 -28.22 -19.72
N LEU A 252 -1.60 -27.90 -18.50
CA LEU A 252 -1.45 -28.83 -17.38
C LEU A 252 -2.60 -29.81 -17.33
N GLN A 253 -3.49 -29.72 -18.31
CA GLN A 253 -4.66 -30.60 -18.42
C GLN A 253 -5.54 -30.54 -17.19
N ILE A 254 -5.65 -29.34 -16.60
CA ILE A 254 -6.51 -29.14 -15.45
C ILE A 254 -7.78 -28.39 -15.87
N LYS A 255 -8.93 -28.97 -15.55
CA LYS A 255 -10.21 -28.35 -15.89
C LYS A 255 -10.38 -27.04 -15.12
N MET A 256 -10.85 -26.02 -15.81
CA MET A 256 -11.06 -24.71 -15.19
C MET A 256 -12.55 -24.39 -15.14
N LYS A 257 -13.19 -24.71 -14.01
CA LYS A 257 -14.61 -24.48 -13.83
C LYS A 257 -14.95 -23.00 -13.96
N LEU A 258 -14.30 -22.18 -13.15
CA LEU A 258 -14.56 -20.75 -13.12
C LEU A 258 -13.27 -19.94 -13.19
N VAL A 259 -13.27 -18.90 -14.01
CA VAL A 259 -12.15 -17.97 -14.07
C VAL A 259 -12.65 -16.53 -14.00
N VAL A 260 -12.37 -15.88 -12.88
CA VAL A 260 -12.71 -14.46 -12.72
C VAL A 260 -11.47 -13.60 -12.89
N SER A 261 -11.30 -13.05 -14.08
CA SER A 261 -10.10 -12.29 -14.40
C SER A 261 -10.32 -10.78 -14.24
N VAL A 262 -9.27 -10.09 -13.81
CA VAL A 262 -9.32 -8.64 -13.66
C VAL A 262 -8.23 -7.99 -14.51
N GLU A 263 -8.63 -7.21 -15.50
CA GLU A 263 -7.69 -6.60 -16.43
C GLU A 263 -8.18 -5.22 -16.90
N ILE A 264 -7.36 -4.20 -16.70
CA ILE A 264 -7.75 -2.83 -17.03
C ILE A 264 -7.69 -2.58 -18.54
N SER A 265 -6.92 -3.40 -19.24
CA SER A 265 -6.74 -3.23 -20.69
C SER A 265 -7.77 -4.01 -21.49
N LYS A 266 -8.49 -3.32 -22.37
CA LYS A 266 -9.53 -3.93 -23.17
C LYS A 266 -8.97 -4.93 -24.19
N VAL A 267 -7.85 -4.59 -24.79
CA VAL A 267 -7.24 -5.47 -25.79
C VAL A 267 -6.69 -6.75 -25.15
N ASN A 268 -6.24 -6.64 -23.90
CA ASN A 268 -5.77 -7.81 -23.16
C ASN A 268 -6.94 -8.69 -22.74
N ARG A 269 -8.10 -8.06 -22.52
CA ARG A 269 -9.31 -8.78 -22.17
C ARG A 269 -9.81 -9.65 -23.32
N ASN A 270 -9.70 -9.11 -24.54
CA ASN A 270 -10.16 -9.82 -25.73
C ASN A 270 -9.25 -10.98 -26.11
N ILE A 271 -7.98 -10.89 -25.71
CA ILE A 271 -7.03 -11.97 -25.94
C ILE A 271 -7.45 -13.21 -25.15
N LEU A 272 -7.80 -13.00 -23.89
CA LEU A 272 -8.23 -14.10 -23.02
C LEU A 272 -9.55 -14.69 -23.50
N LYS A 273 -10.43 -13.84 -24.01
CA LYS A 273 -11.71 -14.29 -24.53
C LYS A 273 -11.52 -15.13 -25.80
N ASP A 274 -10.55 -14.72 -26.62
CA ASP A 274 -10.19 -15.48 -27.82
C ASP A 274 -9.64 -16.85 -27.44
N PHE A 275 -8.70 -16.86 -26.51
CA PHE A 275 -8.09 -18.10 -26.03
C PHE A 275 -9.14 -19.00 -25.37
N TRP A 276 -10.21 -18.40 -24.87
CA TRP A 276 -11.27 -19.15 -24.22
C TRP A 276 -12.19 -19.80 -25.24
N GLU A 277 -12.40 -19.10 -26.36
CA GLU A 277 -13.31 -19.59 -27.40
C GLU A 277 -12.59 -20.46 -28.42
N GLN A 278 -11.31 -20.17 -28.66
CA GLN A 278 -10.52 -20.93 -29.63
C GLN A 278 -10.02 -22.24 -29.05
N THR A 279 -10.28 -22.45 -27.75
CA THR A 279 -9.89 -23.68 -27.08
C THR A 279 -11.11 -24.54 -26.79
N ASN A 280 -12.29 -23.93 -26.92
CA ASN A 280 -13.56 -24.58 -26.60
C ASN A 280 -13.57 -25.09 -25.17
N GLN A 281 -13.28 -24.20 -24.22
CA GLN A 281 -13.23 -24.54 -22.81
C GLN A 281 -14.64 -24.80 -22.27
N THR A 282 -14.74 -25.76 -21.34
CA THR A 282 -16.03 -26.11 -20.77
C THR A 282 -16.52 -25.07 -19.77
N GLY A 283 -15.60 -24.55 -18.96
CA GLY A 283 -15.94 -23.62 -17.90
C GLY A 283 -16.45 -22.26 -18.37
N GLU A 284 -16.59 -21.34 -17.42
CA GLU A 284 -17.12 -20.01 -17.70
C GLU A 284 -16.11 -18.93 -17.38
N LEU A 285 -16.07 -17.89 -18.20
CA LEU A 285 -15.12 -16.79 -18.01
C LEU A 285 -15.83 -15.48 -17.72
N ILE A 286 -15.47 -14.85 -16.60
CA ILE A 286 -16.01 -13.54 -16.23
C ILE A 286 -14.87 -12.53 -16.18
N GLU A 287 -15.05 -11.41 -16.89
CA GLU A 287 -13.97 -10.44 -17.01
C GLU A 287 -14.30 -9.09 -16.35
N PHE A 288 -13.42 -8.67 -15.44
CA PHE A 288 -13.54 -7.37 -14.80
C PHE A 288 -12.48 -6.41 -15.34
N SER A 289 -12.71 -5.12 -15.18
CA SER A 289 -11.78 -4.11 -15.66
C SER A 289 -10.83 -3.65 -14.56
N ASP A 290 -11.16 -2.52 -13.93
CA ASP A 290 -10.32 -1.95 -12.88
C ASP A 290 -10.40 -2.76 -11.59
N ILE A 291 -9.25 -3.05 -10.99
CA ILE A 291 -9.19 -3.81 -9.75
C ILE A 291 -9.51 -2.93 -8.55
N GLN A 292 -9.47 -1.62 -8.75
CA GLN A 292 -9.78 -0.67 -7.68
C GLN A 292 -11.29 -0.49 -7.51
N HIS A 293 -12.06 -1.03 -8.46
CA HIS A 293 -13.51 -0.96 -8.39
C HIS A 293 -14.12 -2.33 -8.10
N LEU A 294 -13.27 -3.35 -8.03
CA LEU A 294 -13.73 -4.69 -7.69
C LEU A 294 -14.10 -4.77 -6.22
N THR A 295 -15.35 -4.44 -5.92
CA THR A 295 -15.85 -4.44 -4.54
C THR A 295 -15.95 -5.85 -3.98
N ASN A 296 -15.82 -5.97 -2.67
CA ASN A 296 -15.91 -7.26 -2.00
C ASN A 296 -17.35 -7.76 -1.91
N ASP A 297 -18.29 -6.89 -2.24
CA ASP A 297 -19.69 -7.28 -2.32
C ASP A 297 -19.90 -8.21 -3.51
N THR A 298 -19.33 -7.83 -4.65
CA THR A 298 -19.42 -8.65 -5.86
C THR A 298 -18.47 -9.84 -5.78
N ILE A 299 -17.44 -9.71 -4.95
CA ILE A 299 -16.52 -10.82 -4.73
C ILE A 299 -17.21 -11.95 -3.99
N GLU A 300 -17.87 -11.63 -2.88
CA GLU A 300 -18.61 -12.62 -2.12
C GLU A 300 -19.90 -13.02 -2.83
N GLY A 301 -20.29 -12.24 -3.84
CA GLY A 301 -21.44 -12.56 -4.66
C GLY A 301 -21.13 -13.68 -5.62
N LEU A 302 -19.96 -13.61 -6.26
CA LEU A 302 -19.50 -14.66 -7.15
C LEU A 302 -19.03 -15.86 -6.35
N MET A 303 -18.80 -15.62 -5.06
CA MET A 303 -18.30 -16.65 -4.16
C MET A 303 -19.38 -17.67 -3.80
N GLU A 304 -20.56 -17.16 -3.42
CA GLU A 304 -21.65 -18.02 -2.97
C GLU A 304 -22.38 -18.71 -4.11
N LYS A 305 -22.10 -18.28 -5.34
CA LYS A 305 -22.77 -18.84 -6.51
C LYS A 305 -22.01 -20.01 -7.12
N TYR A 306 -20.69 -19.88 -7.20
CA TYR A 306 -19.87 -20.90 -7.84
C TYR A 306 -19.09 -21.73 -6.82
N GLY A 307 -19.23 -21.38 -5.54
CA GLY A 307 -18.64 -22.16 -4.47
C GLY A 307 -17.18 -21.87 -4.17
N GLY A 308 -16.87 -20.60 -3.92
CA GLY A 308 -15.54 -20.22 -3.48
C GLY A 308 -14.45 -20.23 -4.55
N PHE A 309 -13.25 -19.87 -4.15
CA PHE A 309 -12.10 -19.82 -5.05
C PHE A 309 -11.00 -20.78 -4.59
N ASP A 310 -10.55 -21.65 -5.48
CA ASP A 310 -9.52 -22.63 -5.16
C ASP A 310 -8.12 -22.04 -5.33
N LEU A 311 -7.98 -21.12 -6.28
CA LEU A 311 -6.68 -20.52 -6.57
C LEU A 311 -6.77 -19.03 -6.85
N VAL A 312 -5.90 -18.25 -6.19
CA VAL A 312 -5.82 -16.82 -6.43
C VAL A 312 -4.43 -16.47 -6.97
N ILE A 313 -4.30 -16.51 -8.30
CA ILE A 313 -3.01 -16.25 -8.94
C ILE A 313 -2.97 -14.82 -9.48
N GLY A 314 -1.78 -14.23 -9.54
CA GLY A 314 -1.64 -12.88 -10.05
C GLY A 314 -0.24 -12.30 -9.95
N GLY A 315 0.04 -11.31 -10.80
CA GLY A 315 1.32 -10.62 -10.77
C GLY A 315 1.15 -9.12 -10.86
N SER A 316 1.38 -8.44 -9.74
CA SER A 316 1.25 -6.99 -9.66
C SER A 316 2.17 -6.27 -10.65
N PRO A 317 1.76 -5.09 -11.12
CA PRO A 317 2.57 -4.26 -12.01
C PRO A 317 3.98 -3.99 -11.47
N CYS A 318 4.98 -4.01 -12.35
CA CYS A 318 6.37 -3.83 -11.94
C CYS A 318 7.01 -2.61 -12.59
N ASN A 319 6.19 -1.66 -13.02
CA ASN A 319 6.69 -0.47 -13.70
C ASN A 319 7.59 0.39 -12.80
N ASN A 320 7.28 0.42 -11.51
CA ASN A 320 8.04 1.21 -10.57
C ASN A 320 9.12 0.39 -9.85
N LEU A 321 9.19 -0.90 -10.17
CA LEU A 321 10.16 -1.80 -9.56
C LEU A 321 11.28 -2.15 -10.53
N ALA A 322 10.95 -2.24 -11.81
CA ALA A 322 11.89 -2.67 -12.82
C ALA A 322 13.06 -1.70 -12.99
N GLY A 323 14.23 -2.24 -13.30
CA GLY A 323 15.43 -1.44 -13.44
C GLY A 323 15.45 -0.62 -14.71
N GLY A 324 14.63 -1.01 -15.69
CA GLY A 324 14.56 -0.32 -16.95
C GLY A 324 13.95 1.07 -16.82
N ASN A 325 13.17 1.27 -15.77
CA ASN A 325 12.52 2.55 -15.52
C ASN A 325 13.52 3.60 -15.05
N ARG A 326 13.78 4.58 -15.91
CA ARG A 326 14.74 5.64 -15.60
C ARG A 326 14.03 6.90 -15.13
N VAL A 327 12.70 6.86 -15.11
CA VAL A 327 11.90 8.02 -14.77
C VAL A 327 11.25 7.92 -13.40
N SER A 328 10.53 6.82 -13.18
CA SER A 328 9.76 6.67 -11.94
C SER A 328 9.95 5.30 -11.28
N ARG A 329 11.19 5.02 -10.88
CA ARG A 329 11.46 3.79 -10.13
C ARG A 329 11.51 4.10 -8.64
N VAL A 330 10.33 4.15 -8.02
CA VAL A 330 10.22 4.57 -6.62
C VAL A 330 9.91 3.38 -5.70
N GLY A 331 9.61 2.23 -6.30
CA GLY A 331 9.29 1.04 -5.54
C GLY A 331 7.79 0.84 -5.41
N LEU A 332 7.35 0.44 -4.23
CA LEU A 332 5.92 0.25 -3.97
C LEU A 332 5.24 1.58 -3.70
N GLU A 333 6.02 2.66 -3.75
CA GLU A 333 5.50 4.01 -3.57
C GLU A 333 5.04 4.58 -4.90
N GLY A 334 5.29 3.85 -5.97
CA GLY A 334 4.94 4.29 -7.31
C GLY A 334 3.45 4.23 -7.59
N ASP A 335 3.04 4.70 -8.76
CA ASP A 335 1.63 4.76 -9.10
C ASP A 335 1.07 3.39 -9.48
N GLN A 336 1.79 2.66 -10.32
CA GLN A 336 1.32 1.36 -10.80
C GLN A 336 1.65 0.23 -9.83
N SER A 337 2.82 0.29 -9.21
CA SER A 337 3.28 -0.79 -8.34
C SER A 337 2.57 -0.80 -6.99
N SER A 338 1.90 0.29 -6.65
CA SER A 338 1.17 0.38 -5.40
C SER A 338 -0.11 -0.45 -5.44
N LEU A 339 -0.46 -0.94 -6.62
CA LEU A 339 -1.66 -1.75 -6.80
C LEU A 339 -1.47 -3.16 -6.25
N PHE A 340 -0.28 -3.45 -5.74
CA PHE A 340 0.00 -4.72 -5.08
C PHE A 340 -0.89 -4.90 -3.86
N PHE A 341 -1.20 -3.79 -3.18
CA PHE A 341 -2.03 -3.84 -1.98
C PHE A 341 -3.47 -4.18 -2.32
N GLU A 342 -3.87 -3.92 -3.56
CA GLU A 342 -5.18 -4.33 -4.04
C GLU A 342 -5.25 -5.85 -4.13
N TYR A 343 -4.13 -6.46 -4.50
CA TYR A 343 -4.00 -7.91 -4.50
C TYR A 343 -4.20 -8.44 -3.08
N CYS A 344 -3.61 -7.74 -2.12
CA CYS A 344 -3.72 -8.14 -0.71
C CYS A 344 -5.15 -8.00 -0.20
N ARG A 345 -5.81 -6.92 -0.59
CA ARG A 345 -7.19 -6.67 -0.17
C ARG A 345 -8.12 -7.77 -0.65
N ILE A 346 -8.09 -8.05 -1.96
CA ILE A 346 -8.91 -9.08 -2.57
C ILE A 346 -8.59 -10.44 -1.96
N LEU A 347 -7.30 -10.70 -1.74
CA LEU A 347 -6.85 -11.95 -1.16
C LEU A 347 -7.29 -12.08 0.30
N GLU A 348 -7.51 -10.94 0.96
CA GLU A 348 -7.97 -10.94 2.34
C GLU A 348 -9.45 -11.28 2.43
N VAL A 349 -10.21 -10.86 1.42
CA VAL A 349 -11.65 -11.09 1.39
C VAL A 349 -11.97 -12.57 1.16
N VAL A 350 -11.28 -13.18 0.21
CA VAL A 350 -11.53 -14.58 -0.11
C VAL A 350 -11.16 -15.50 1.06
N ARG A 351 -10.08 -15.16 1.76
CA ARG A 351 -9.65 -15.94 2.93
C ARG A 351 -10.69 -15.87 4.04
N ALA A 352 -11.42 -14.76 4.11
CA ALA A 352 -12.40 -14.55 5.17
C ALA A 352 -13.55 -15.54 5.09
N ARG A 353 -13.86 -16.02 3.89
CA ARG A 353 -14.99 -16.93 3.71
C ARG A 353 -14.54 -18.39 3.57
N MET A 354 -13.33 -18.59 3.09
CA MET A 354 -12.79 -19.94 2.94
C MET A 354 -12.45 -20.56 4.30
N ARG A 355 -12.43 -19.73 5.34
CA ARG A 355 -12.13 -20.20 6.68
C ARG A 355 -13.26 -21.06 7.24
P C49 C 10 13.49 -7.16 -15.23
O1P C49 C 10 13.83 -8.62 -15.04
O2P C49 C 10 12.77 -6.59 -14.03
O5' C49 C 10 12.63 -6.91 -16.54
C5' C49 C 10 11.66 -5.89 -16.50
C4' C49 C 10 10.41 -6.37 -17.19
O4' C49 C 10 9.54 -7.33 -16.23
C3' C49 C 10 9.65 -5.37 -17.48
O3' C49 C 10 9.91 -4.88 -18.85
C2' C49 C 10 8.20 -5.94 -17.39
C1' C49 C 10 8.39 -7.37 -16.85
N1 C49 C 10 7.30 -7.75 -15.97
C2 C49 C 10 6.92 -9.20 -15.91
O2 C49 C 10 7.51 -10.00 -16.59
N3 C49 C 10 5.80 -9.65 -15.03
C4 C49 C 10 5.09 -8.70 -14.24
N4 C49 C 10 4.12 -9.09 -13.47
C5 C49 C 10 5.48 -7.24 -14.30
C6 C49 C 10 6.62 -6.79 -15.19
CM5 C49 C 10 4.15 -6.32 -14.66
F C49 C 10 5.71 -6.83 -13.05
N PRO D 6 -16.65 9.07 -5.11
CA PRO D 6 -16.08 10.41 -4.91
C PRO D 6 -16.65 11.09 -3.67
N ILE D 7 -16.19 10.66 -2.49
CA ILE D 7 -16.68 11.22 -1.23
C ILE D 7 -16.26 12.67 -1.05
N ARG D 8 -17.25 13.55 -0.88
CA ARG D 8 -16.98 14.96 -0.60
C ARG D 8 -17.26 15.25 0.87
N LEU D 9 -16.54 16.22 1.42
CA LEU D 9 -16.70 16.58 2.83
C LEU D 9 -18.07 17.18 3.11
N PRO D 10 -18.85 16.53 3.99
CA PRO D 10 -20.20 16.98 4.34
C PRO D 10 -20.19 18.32 5.06
N ASN D 11 -21.19 19.15 4.77
CA ASN D 11 -21.28 20.48 5.39
C ASN D 11 -22.62 20.67 6.09
N PRO D 12 -22.60 20.85 7.41
CA PRO D 12 -21.39 20.85 8.24
C PRO D 12 -20.95 19.45 8.65
N MET D 13 -19.74 19.33 9.19
CA MET D 13 -19.22 18.04 9.62
C MET D 13 -19.71 17.68 11.03
N ILE D 14 -20.76 16.87 11.08
CA ILE D 14 -21.31 16.41 12.35
C ILE D 14 -21.13 14.91 12.51
N GLY D 15 -20.75 14.25 11.41
CA GLY D 15 -20.57 12.81 11.41
C GLY D 15 -21.89 12.08 11.64
N PHE D 16 -21.92 11.25 12.67
CA PHE D 16 -23.13 10.53 13.04
C PHE D 16 -23.85 11.22 14.19
N GLY D 17 -23.28 12.34 14.65
CA GLY D 17 -23.88 13.10 15.73
C GLY D 17 -22.85 13.73 16.65
N VAL D 18 -22.94 15.05 16.81
CA VAL D 18 -22.04 15.77 17.71
C VAL D 18 -22.84 16.52 18.78
N PRO D 19 -22.30 16.57 20.01
CA PRO D 19 -22.96 17.25 21.14
C PRO D 19 -23.27 18.72 20.85
N ASN D 20 -24.31 19.24 21.51
CA ASN D 20 -24.74 20.63 21.35
C ASN D 20 -25.13 21.00 19.92
N GLU D 21 -25.34 19.99 19.08
CA GLU D 21 -25.71 20.21 17.69
C GLU D 21 -26.72 19.15 17.23
N PRO D 22 -27.67 19.56 16.38
CA PRO D 22 -28.67 18.64 15.83
C PRO D 22 -28.11 17.80 14.67
N GLY D 23 -28.80 16.71 14.34
CA GLY D 23 -28.40 15.87 13.23
C GLY D 23 -27.81 14.54 13.67
N LEU D 24 -28.10 14.14 14.90
CA LEU D 24 -27.58 12.89 15.44
C LEU D 24 -28.32 11.69 14.87
N ILE D 25 -27.57 10.66 14.49
CA ILE D 25 -28.15 9.44 13.94
C ILE D 25 -27.52 8.20 14.58
N THR D 26 -28.35 7.18 14.82
CA THR D 26 -27.89 5.95 15.43
C THR D 26 -28.07 4.75 14.50
N HIS D 27 -28.11 5.01 13.20
CA HIS D 27 -28.27 3.95 12.22
C HIS D 27 -26.94 3.55 11.60
N ARG D 28 -26.55 2.31 11.81
CA ARG D 28 -25.29 1.79 11.29
C ARG D 28 -25.52 0.78 10.17
N SER D 29 -24.92 1.04 9.00
CA SER D 29 -25.02 0.12 7.88
C SER D 29 -23.70 -0.58 7.63
N LEU D 30 -23.06 -1.02 8.71
CA LEU D 30 -21.78 -1.71 8.62
C LEU D 30 -21.94 -3.09 8.00
N PRO D 31 -21.11 -3.40 6.99
CA PRO D 31 -21.15 -4.68 6.29
C PRO D 31 -20.77 -5.85 7.18
N GLU D 32 -21.19 -7.06 6.81
CA GLU D 32 -20.91 -8.25 7.60
C GLU D 32 -19.43 -8.57 7.67
N LEU D 33 -18.67 -8.10 6.68
CA LEU D 33 -17.23 -8.33 6.63
C LEU D 33 -16.52 -7.47 7.68
N ALA D 34 -17.14 -6.35 8.05
CA ALA D 34 -16.54 -5.42 9.00
C ALA D 34 -16.92 -5.76 10.44
N ARG D 35 -17.71 -6.82 10.61
CA ARG D 35 -18.18 -7.21 11.93
C ARG D 35 -17.04 -7.71 12.82
N GLY D 36 -17.04 -7.27 14.07
CA GLY D 36 -16.05 -7.69 15.03
C GLY D 36 -16.44 -9.01 15.67
N PRO D 37 -15.67 -9.46 16.69
CA PRO D 37 -14.49 -8.79 17.25
C PRO D 37 -13.25 -8.98 16.38
N PRO D 38 -12.25 -8.09 16.53
CA PRO D 38 -12.21 -6.97 17.47
C PRO D 38 -12.70 -5.66 16.87
N PHE D 39 -12.80 -4.63 17.71
CA PHE D 39 -13.18 -3.30 17.26
C PHE D 39 -11.95 -2.49 16.89
N PHE D 40 -12.02 -1.75 15.79
CA PHE D 40 -10.91 -0.91 15.37
C PHE D 40 -11.35 0.54 15.20
N TYR D 41 -10.37 1.45 15.17
CA TYR D 41 -10.66 2.87 15.07
C TYR D 41 -9.54 3.59 14.33
N TYR D 42 -9.76 3.88 13.06
CA TYR D 42 -8.76 4.55 12.23
C TYR D 42 -9.09 6.02 12.05
N GLU D 43 -8.04 6.85 11.94
CA GLU D 43 -8.22 8.29 11.83
C GLU D 43 -7.17 8.91 10.91
N ASN D 44 -7.56 9.92 10.15
CA ASN D 44 -6.64 10.67 9.31
C ASN D 44 -7.22 12.03 8.91
N VAL D 45 -6.40 12.84 8.26
CA VAL D 45 -6.81 14.17 7.81
C VAL D 45 -7.89 14.07 6.73
N ALA D 46 -8.88 14.96 6.79
CA ALA D 46 -9.96 14.98 5.80
C ALA D 46 -9.47 15.55 4.47
N LEU D 47 -8.71 16.64 4.53
CA LEU D 47 -8.22 17.30 3.33
C LEU D 47 -7.04 16.55 2.71
N THR D 48 -7.36 15.45 2.03
CA THR D 48 -6.35 14.67 1.32
C THR D 48 -6.48 14.90 -0.18
N PRO D 49 -5.42 14.58 -0.94
CA PRO D 49 -5.52 14.63 -2.41
C PRO D 49 -6.64 13.73 -2.94
N LYS D 50 -7.01 13.94 -4.20
CA LYS D 50 -8.12 13.19 -4.80
C LYS D 50 -7.83 11.69 -4.86
N GLY D 51 -8.81 10.89 -4.47
CA GLY D 51 -8.70 9.44 -4.58
C GLY D 51 -8.01 8.76 -3.40
N VAL D 52 -7.73 9.53 -2.35
CA VAL D 52 -7.05 8.99 -1.18
C VAL D 52 -8.01 8.29 -0.23
N TRP D 53 -9.04 9.01 0.21
CA TRP D 53 -10.01 8.46 1.15
C TRP D 53 -10.80 7.31 0.55
N GLU D 54 -10.89 7.27 -0.78
CA GLU D 54 -11.55 6.17 -1.47
C GLU D 54 -10.75 4.89 -1.26
N THR D 55 -9.43 4.98 -1.40
CA THR D 55 -8.55 3.84 -1.23
C THR D 55 -8.48 3.39 0.23
N ILE D 56 -8.49 4.35 1.14
CA ILE D 56 -8.46 4.05 2.57
C ILE D 56 -9.70 3.29 3.02
N SER D 57 -10.87 3.81 2.63
CA SER D 57 -12.14 3.19 2.99
C SER D 57 -12.26 1.80 2.39
N ARG D 58 -11.73 1.63 1.18
CA ARG D 58 -11.83 0.37 0.46
C ARG D 58 -11.05 -0.75 1.14
N HIS D 59 -9.92 -0.40 1.76
CA HIS D 59 -9.11 -1.39 2.46
C HIS D 59 -9.65 -1.67 3.85
N LEU D 60 -10.44 -0.74 4.38
CA LEU D 60 -11.01 -0.90 5.72
C LEU D 60 -12.45 -1.39 5.64
N PHE D 61 -12.66 -2.46 4.87
CA PHE D 61 -13.94 -3.16 4.79
C PHE D 61 -15.06 -2.29 4.23
N GLU D 62 -14.70 -1.29 3.43
CA GLU D 62 -15.66 -0.40 2.77
C GLU D 62 -16.62 0.26 3.74
N ILE D 63 -16.10 0.72 4.87
CA ILE D 63 -16.89 1.47 5.84
C ILE D 63 -16.89 2.95 5.49
N PRO D 64 -18.09 3.53 5.32
CA PRO D 64 -18.22 4.96 5.01
C PRO D 64 -17.61 5.84 6.10
N PRO D 65 -16.54 6.57 5.77
CA PRO D 65 -15.77 7.39 6.72
C PRO D 65 -16.62 8.45 7.41
N GLU D 66 -16.59 8.47 8.74
CA GLU D 66 -17.31 9.47 9.51
C GLU D 66 -16.45 10.72 9.70
N PHE D 67 -16.79 11.78 8.96
CA PHE D 67 -16.02 13.01 9.02
C PHE D 67 -16.58 13.96 10.08
N VAL D 68 -15.73 14.29 11.06
CA VAL D 68 -16.15 15.17 12.16
C VAL D 68 -15.13 16.27 12.40
N ASP D 69 -15.57 17.52 12.28
CA ASP D 69 -14.72 18.66 12.61
C ASP D 69 -14.68 18.82 14.13
N SER D 70 -13.53 19.26 14.65
CA SER D 70 -13.33 19.36 16.09
C SER D 70 -13.70 20.73 16.64
N LYS D 71 -14.34 21.56 15.82
CA LYS D 71 -14.83 22.85 16.29
C LYS D 71 -15.95 22.64 17.31
N TYR D 72 -16.65 21.53 17.17
CA TYR D 72 -17.79 21.23 18.01
C TYR D 72 -17.38 20.45 19.25
N PHE D 73 -16.07 20.44 19.52
CA PHE D 73 -15.53 19.77 20.70
C PHE D 73 -14.52 20.66 21.42
N CYS D 74 -13.74 21.41 20.65
CA CYS D 74 -12.78 22.33 21.23
C CYS D 74 -12.82 23.69 20.52
N VAL D 75 -11.97 24.61 20.96
CA VAL D 75 -11.93 25.94 20.38
C VAL D 75 -11.17 25.95 19.05
N ALA D 76 -10.36 24.92 18.84
CA ALA D 76 -9.56 24.81 17.62
C ALA D 76 -10.33 24.07 16.53
N ALA D 77 -9.94 24.31 15.28
CA ALA D 77 -10.58 23.69 14.13
C ALA D 77 -9.75 22.53 13.59
N ARG D 78 -10.12 21.32 13.95
CA ARG D 78 -9.39 20.13 13.50
C ARG D 78 -10.29 19.21 12.69
N LYS D 79 -10.20 19.30 11.37
CA LYS D 79 -11.02 18.51 10.47
C LYS D 79 -10.40 17.16 10.17
N ARG D 80 -10.94 16.11 10.77
CA ARG D 80 -10.41 14.76 10.61
C ARG D 80 -11.48 13.77 10.17
N GLY D 81 -11.05 12.67 9.57
CA GLY D 81 -11.97 11.62 9.15
C GLY D 81 -11.71 10.33 9.92
N TYR D 82 -12.79 9.67 10.35
CA TYR D 82 -12.67 8.47 11.16
C TYR D 82 -13.37 7.29 10.51
N ILE D 83 -12.73 6.12 10.56
CA ILE D 83 -13.32 4.89 10.06
C ILE D 83 -13.30 3.82 11.15
N HIS D 84 -14.48 3.37 11.55
CA HIS D 84 -14.59 2.40 12.65
C HIS D 84 -15.77 1.47 12.49
N ASN D 85 -15.72 0.34 13.18
CA ASN D 85 -16.84 -0.60 13.21
C ASN D 85 -17.58 -0.52 14.53
N LEU D 86 -17.44 0.63 15.20
CA LEU D 86 -18.07 0.86 16.49
C LEU D 86 -19.52 1.34 16.35
N PRO D 87 -20.37 0.98 17.32
CA PRO D 87 -21.76 1.43 17.30
C PRO D 87 -21.90 2.91 17.67
N ILE D 88 -22.99 3.53 17.22
CA ILE D 88 -23.26 4.94 17.53
C ILE D 88 -24.31 5.00 18.65
N ASN D 89 -24.81 3.83 19.04
CA ASN D 89 -25.81 3.74 20.09
C ASN D 89 -25.28 4.21 21.45
N ASN D 90 -26.02 5.12 22.08
CA ASN D 90 -25.69 5.64 23.40
C ASN D 90 -24.30 6.29 23.45
N ARG D 91 -24.20 7.50 22.89
CA ARG D 91 -22.95 8.25 22.94
C ARG D 91 -23.02 9.38 23.96
N PHE D 92 -22.02 9.44 24.84
CA PHE D 92 -21.92 10.54 25.80
C PHE D 92 -20.58 11.24 25.66
N GLN D 93 -20.54 12.52 26.02
CA GLN D 93 -19.33 13.32 25.86
C GLN D 93 -18.45 13.27 27.11
N ILE D 94 -17.44 14.14 27.14
CA ILE D 94 -16.42 14.10 28.18
C ILE D 94 -16.57 15.28 29.16
N GLN D 95 -16.01 15.11 30.35
CA GLN D 95 -15.99 16.16 31.37
C GLN D 95 -14.55 16.53 31.69
N PRO D 96 -14.30 17.79 32.07
CA PRO D 96 -15.25 18.90 32.23
C PRO D 96 -15.65 19.53 30.90
N PRO D 97 -16.79 20.25 30.87
CA PRO D 97 -17.22 20.94 29.65
C PRO D 97 -16.18 21.95 29.16
N PRO D 98 -15.59 21.70 27.98
CA PRO D 98 -14.52 22.52 27.42
C PRO D 98 -14.99 23.92 27.02
N LYS D 99 -14.06 24.82 26.81
CA LYS D 99 -14.38 26.18 26.36
C LYS D 99 -14.44 26.22 24.84
N TYR D 100 -15.63 26.51 24.32
CA TYR D 100 -15.88 26.44 22.88
C TYR D 100 -15.41 27.69 22.12
N THR D 101 -15.29 28.81 22.82
CA THR D 101 -14.89 30.05 22.17
C THR D 101 -13.55 30.58 22.68
N ILE D 102 -13.10 31.68 22.10
CA ILE D 102 -11.81 32.28 22.45
C ILE D 102 -11.85 32.96 23.81
N HIS D 103 -12.89 33.76 24.05
CA HIS D 103 -13.02 34.50 25.31
C HIS D 103 -13.43 33.61 26.47
N ASP D 104 -13.48 32.30 26.23
CA ASP D 104 -13.76 31.33 27.28
C ASP D 104 -12.52 30.50 27.60
N ALA D 105 -11.76 30.17 26.57
CA ALA D 105 -10.53 29.40 26.73
C ALA D 105 -9.35 30.31 27.03
N PHE D 106 -9.51 31.60 26.75
CA PHE D 106 -8.47 32.59 27.01
C PHE D 106 -9.05 33.80 27.74
N PRO D 107 -9.32 33.64 29.05
CA PRO D 107 -9.95 34.69 29.85
C PRO D 107 -9.00 35.86 30.12
N LEU D 108 -7.70 35.60 30.07
CA LEU D 108 -6.71 36.63 30.40
C LEU D 108 -6.25 37.40 29.16
N SER D 109 -7.02 37.28 28.09
CA SER D 109 -6.69 37.98 26.85
C SER D 109 -7.85 38.82 26.34
N LYS D 110 -8.87 38.99 27.18
CA LYS D 110 -10.05 39.76 26.83
C LYS D 110 -9.71 41.23 26.63
N ARG D 111 -8.82 41.74 27.48
CA ARG D 111 -8.52 43.17 27.52
C ARG D 111 -7.54 43.58 26.41
N TRP D 112 -6.80 42.61 25.89
CA TRP D 112 -5.78 42.91 24.88
C TRP D 112 -6.25 42.59 23.46
N TRP D 113 -7.44 41.98 23.36
CA TRP D 113 -7.96 41.58 22.06
C TRP D 113 -8.64 42.75 21.33
N PRO D 114 -8.16 43.06 20.13
CA PRO D 114 -8.72 44.12 19.28
C PRO D 114 -10.18 43.85 18.90
N GLU D 115 -10.91 44.90 18.55
CA GLU D 115 -12.32 44.78 18.21
C GLU D 115 -12.53 44.43 16.74
N TRP D 116 -11.54 44.75 15.92
CA TRP D 116 -11.64 44.52 14.47
C TRP D 116 -11.14 43.13 14.08
N ASP D 117 -11.14 42.20 15.03
CA ASP D 117 -10.78 40.82 14.77
C ASP D 117 -11.90 39.89 15.21
N LYS D 118 -12.80 39.55 14.29
CA LYS D 118 -13.98 38.75 14.60
C LYS D 118 -13.68 37.25 14.63
N ARG D 119 -12.68 36.87 15.41
CA ARG D 119 -12.34 35.47 15.57
C ARG D 119 -12.93 34.92 16.86
N THR D 120 -13.68 33.82 16.75
CA THR D 120 -14.29 33.19 17.92
C THR D 120 -13.73 31.79 18.14
N LYS D 121 -13.19 31.21 17.07
CA LYS D 121 -12.57 29.89 17.14
C LYS D 121 -11.23 29.88 16.41
N LEU D 122 -10.32 29.02 16.87
CA LEU D 122 -8.98 28.95 16.30
C LEU D 122 -8.92 28.00 15.12
N ASN D 123 -7.82 28.08 14.37
CA ASN D 123 -7.57 27.14 13.28
C ASN D 123 -6.91 25.87 13.80
N CYS D 124 -6.33 25.08 12.90
CA CYS D 124 -5.72 23.81 13.29
C CYS D 124 -4.32 24.01 13.86
N ILE D 125 -3.88 23.05 14.67
CA ILE D 125 -2.54 23.07 15.24
C ILE D 125 -1.59 22.25 14.38
N LEU D 126 -0.59 22.92 13.80
CA LEU D 126 0.35 22.25 12.90
C LEU D 126 1.62 21.80 13.63
N THR D 127 2.60 21.33 12.87
CA THR D 127 3.87 20.89 13.44
C THR D 127 4.80 22.07 13.74
N CYS D 128 4.76 23.08 12.87
CA CYS D 128 5.57 24.28 13.07
C CYS D 128 4.69 25.51 13.16
N THR D 129 4.87 26.29 14.22
CA THR D 129 4.04 27.46 14.47
C THR D 129 4.76 28.74 14.05
N GLY D 130 4.17 29.89 14.40
CA GLY D 130 4.75 31.18 14.08
C GLY D 130 6.10 31.38 14.74
N SER D 131 6.88 32.31 14.20
CA SER D 131 8.23 32.53 14.70
C SER D 131 8.34 33.83 15.50
N ALA D 132 9.56 34.13 15.95
CA ALA D 132 9.81 35.30 16.78
C ALA D 132 10.17 36.51 15.92
N GLN D 133 10.60 36.27 14.70
CA GLN D 133 10.94 37.34 13.77
C GLN D 133 9.76 37.65 12.86
N LEU D 134 8.70 36.84 12.98
CA LEU D 134 7.46 37.08 12.26
C LEU D 134 6.55 37.97 13.08
N THR D 135 6.60 37.79 14.40
CA THR D 135 5.84 38.63 15.32
C THR D 135 6.54 39.98 15.48
N ASN D 136 7.79 40.04 15.03
CA ASN D 136 8.53 41.28 14.98
C ASN D 136 8.05 42.16 13.84
N ARG D 137 7.49 41.53 12.81
CA ARG D 137 6.95 42.24 11.66
C ARG D 137 5.56 42.78 11.97
N ILE D 138 5.04 42.46 13.14
CA ILE D 138 3.75 42.96 13.58
C ILE D 138 3.95 44.09 14.59
N ARG D 139 5.10 44.07 15.26
CA ARG D 139 5.44 45.10 16.23
C ARG D 139 5.82 46.41 15.55
N VAL D 140 6.14 46.33 14.26
CA VAL D 140 6.49 47.52 13.49
C VAL D 140 5.23 48.24 12.99
N ALA D 141 4.11 47.52 12.98
CA ALA D 141 2.83 48.09 12.60
C ALA D 141 1.97 48.35 13.83
N LEU D 142 2.63 48.46 14.98
CA LEU D 142 1.93 48.67 16.24
C LEU D 142 2.23 50.04 16.83
N GLU D 143 3.50 50.42 16.81
CA GLU D 143 3.95 51.69 17.37
C GLU D 143 3.36 52.94 16.68
N PRO D 144 3.38 53.00 15.33
CA PRO D 144 2.90 54.25 14.73
C PRO D 144 1.39 54.49 14.93
N TYR D 145 0.61 53.43 14.89
CA TYR D 145 -0.84 53.55 15.03
C TYR D 145 -1.26 53.63 16.50
N ASN D 146 -1.90 54.73 16.87
CA ASN D 146 -2.28 54.96 18.25
C ASN D 146 -3.68 55.57 18.40
N GLU D 147 -3.89 56.71 17.75
CA GLU D 147 -5.15 57.43 17.85
C GLU D 147 -6.32 56.62 17.30
N GLU D 148 -6.21 56.21 16.04
CA GLU D 148 -7.26 55.45 15.39
C GLU D 148 -7.35 54.03 15.95
N PRO D 149 -8.55 53.65 16.41
CA PRO D 149 -8.80 52.30 16.96
C PRO D 149 -8.52 51.21 15.92
N GLU D 150 -8.67 51.57 14.64
CA GLU D 150 -8.38 50.64 13.55
C GLU D 150 -7.30 51.19 12.63
N PRO D 151 -6.23 50.40 12.41
CA PRO D 151 -5.17 50.76 11.46
C PRO D 151 -5.69 50.77 10.03
N PRO D 152 -4.96 51.44 9.11
CA PRO D 152 -5.30 51.48 7.69
C PRO D 152 -5.69 50.12 7.12
N LYS D 153 -6.59 50.13 6.13
CA LYS D 153 -7.17 48.90 5.59
C LYS D 153 -6.14 47.94 5.00
N HIS D 154 -5.04 48.49 4.48
CA HIS D 154 -4.02 47.65 3.85
C HIS D 154 -3.12 46.99 4.89
N VAL D 155 -2.96 47.64 6.04
CA VAL D 155 -2.20 47.06 7.15
C VAL D 155 -3.11 46.15 7.95
N GLN D 156 -4.37 46.56 8.11
CA GLN D 156 -5.38 45.75 8.78
C GLN D 156 -5.63 44.46 8.00
N ARG D 157 -5.28 44.47 6.72
CA ARG D 157 -5.40 43.31 5.86
C ARG D 157 -4.25 42.32 6.07
N TYR D 158 -3.04 42.86 6.19
CA TYR D 158 -1.84 42.05 6.33
C TYR D 158 -1.84 41.23 7.61
N VAL D 159 -2.31 41.82 8.71
CA VAL D 159 -2.30 41.17 10.00
C VAL D 159 -3.25 39.97 10.06
N ILE D 160 -4.45 40.14 9.50
CA ILE D 160 -5.44 39.07 9.50
C ILE D 160 -4.96 37.87 8.68
N ASP D 161 -4.26 38.15 7.59
CA ASP D 161 -3.74 37.10 6.72
C ASP D 161 -2.60 36.32 7.38
N GLN D 162 -2.04 36.89 8.44
CA GLN D 162 -0.93 36.25 9.15
C GLN D 162 -1.43 35.52 10.40
N CYS D 163 -2.37 36.12 11.11
CA CYS D 163 -2.90 35.53 12.34
C CYS D 163 -3.73 34.29 12.06
N LYS D 164 -4.25 34.18 10.84
CA LYS D 164 -5.05 33.03 10.44
C LYS D 164 -4.18 31.95 9.81
N LYS D 165 -2.92 32.29 9.53
CA LYS D 165 -2.00 31.36 8.90
C LYS D 165 -0.98 30.80 9.88
N TRP D 166 -1.04 31.28 11.13
CA TRP D 166 -0.08 30.84 12.14
C TRP D 166 -0.73 30.69 13.52
N ASN D 167 -2.03 30.96 13.60
CA ASN D 167 -2.78 30.87 14.85
C ASN D 167 -2.15 31.69 15.97
N LEU D 168 -2.24 33.01 15.86
CA LEU D 168 -1.67 33.90 16.87
C LEU D 168 -2.74 34.39 17.84
N VAL D 169 -2.34 34.64 19.08
CA VAL D 169 -3.25 35.16 20.09
C VAL D 169 -2.72 36.46 20.68
N TRP D 170 -3.63 37.31 21.13
CA TRP D 170 -3.24 38.60 21.70
C TRP D 170 -3.00 38.48 23.20
N VAL D 171 -1.73 38.49 23.59
CA VAL D 171 -1.35 38.31 24.99
C VAL D 171 -1.06 39.64 25.68
N GLY D 172 -0.89 40.70 24.89
CA GLY D 172 -0.59 42.00 25.45
C GLY D 172 -1.00 43.14 24.52
N LYS D 173 -0.62 44.36 24.88
CA LYS D 173 -0.94 45.54 24.09
C LYS D 173 -0.20 45.50 22.76
N ASN D 174 -0.94 45.20 21.69
CA ASN D 174 -0.39 45.08 20.34
C ASN D 174 0.76 44.07 20.28
N LYS D 175 0.49 42.85 20.75
CA LYS D 175 1.49 41.79 20.76
C LYS D 175 0.86 40.46 20.35
N ALA D 176 1.10 40.05 19.11
CA ALA D 176 0.55 38.80 18.60
C ALA D 176 1.61 37.70 18.57
N ALA D 177 1.35 36.61 19.28
CA ALA D 177 2.31 35.51 19.39
C ALA D 177 1.60 34.16 19.31
N PRO D 178 2.29 33.13 18.81
CA PRO D 178 1.71 31.79 18.74
C PRO D 178 1.43 31.20 20.12
N LEU D 179 0.62 30.13 20.16
CA LEU D 179 0.24 29.53 21.43
C LEU D 179 1.42 28.88 22.15
N GLU D 180 1.26 28.65 23.45
CA GLU D 180 2.24 27.94 24.24
C GLU D 180 1.90 26.46 24.30
N PRO D 181 2.93 25.60 24.40
CA PRO D 181 2.74 24.15 24.46
C PRO D 181 1.78 23.71 25.57
N ASP D 182 1.78 24.43 26.69
CA ASP D 182 0.89 24.10 27.80
C ASP D 182 -0.56 24.39 27.45
N GLU D 183 -0.78 25.33 26.54
CA GLU D 183 -2.13 25.68 26.10
C GLU D 183 -2.64 24.70 25.05
N MET D 184 -1.75 24.30 24.13
CA MET D 184 -2.12 23.37 23.07
C MET D 184 -2.56 22.03 23.63
N GLU D 185 -1.94 21.61 24.74
CA GLU D 185 -2.29 20.37 25.41
C GLU D 185 -3.69 20.44 26.00
N SER D 186 -4.01 21.60 26.58
CA SER D 186 -5.31 21.79 27.22
C SER D 186 -6.43 21.85 26.19
N ILE D 187 -6.10 22.34 24.99
CA ILE D 187 -7.09 22.42 23.91
C ILE D 187 -7.39 21.04 23.34
N LEU D 188 -6.33 20.29 23.04
CA LEU D 188 -6.48 18.96 22.46
C LEU D 188 -7.03 17.95 23.47
N GLY D 189 -6.81 18.22 24.75
CA GLY D 189 -7.34 17.38 25.81
C GLY D 189 -6.30 16.69 26.67
N PHE D 190 -5.04 17.05 26.45
CA PHE D 190 -3.93 16.48 27.22
C PHE D 190 -3.74 17.21 28.54
N PRO D 191 -3.32 16.48 29.58
CA PRO D 191 -3.05 17.09 30.90
C PRO D 191 -1.87 18.05 30.86
N LYS D 192 -1.69 18.83 31.93
CA LYS D 192 -0.64 19.84 31.98
C LYS D 192 0.75 19.21 31.96
N ASN D 193 1.63 19.81 31.15
CA ASN D 193 3.01 19.35 30.99
C ASN D 193 3.10 17.87 30.63
N HIS D 194 2.19 17.42 29.79
CA HIS D 194 2.16 16.02 29.35
C HIS D 194 3.29 15.74 28.37
N THR D 195 3.69 16.76 27.62
CA THR D 195 4.76 16.63 26.65
C THR D 195 6.02 17.36 27.11
N ARG D 196 6.11 17.61 28.41
CA ARG D 196 7.25 18.34 28.97
C ARG D 196 8.48 17.44 29.08
N GLY D 197 8.26 16.17 29.35
CA GLY D 197 9.33 15.23 29.64
C GLY D 197 10.38 15.09 28.54
N GLY D 198 11.61 14.84 28.97
CA GLY D 198 12.71 14.65 28.03
C GLY D 198 13.41 15.93 27.64
N GLY D 199 12.96 17.05 28.22
CA GLY D 199 13.51 18.35 27.89
C GLY D 199 13.40 18.62 26.40
N MET D 200 12.26 18.23 25.83
CA MET D 200 12.06 18.28 24.39
C MET D 200 12.16 19.69 23.81
N SER D 201 12.66 19.76 22.59
CA SER D 201 12.75 21.00 21.84
C SER D 201 11.36 21.59 21.65
N ARG D 202 11.28 22.92 21.60
CA ARG D 202 10.01 23.58 21.33
C ARG D 202 9.47 23.13 19.97
N THR D 203 10.40 22.92 19.03
CA THR D 203 10.05 22.41 17.72
C THR D 203 9.52 20.98 17.84
N GLU D 204 10.21 20.16 18.62
CA GLU D 204 9.81 18.76 18.82
C GLU D 204 8.50 18.63 19.58
N ARG D 205 8.29 19.51 20.57
CA ARG D 205 7.05 19.51 21.32
C ARG D 205 5.88 19.83 20.40
N PHE D 206 6.09 20.77 19.49
CA PHE D 206 5.07 21.15 18.52
C PHE D 206 4.90 20.07 17.46
N LYS D 207 6.01 19.50 17.01
CA LYS D 207 6.00 18.42 16.02
C LYS D 207 5.25 17.21 16.54
N SER D 208 5.44 16.92 17.83
CA SER D 208 4.80 15.78 18.47
C SER D 208 3.31 16.07 18.72
N LEU D 209 3.01 17.31 19.09
CA LEU D 209 1.63 17.72 19.32
C LEU D 209 0.90 18.01 18.01
N GLY D 210 1.68 18.22 16.95
CA GLY D 210 1.11 18.39 15.63
C GLY D 210 0.42 17.10 15.20
N ASN D 211 1.20 16.03 15.12
CA ASN D 211 0.64 14.70 14.89
C ASN D 211 0.05 14.15 16.18
N SER D 212 -1.18 14.55 16.48
CA SER D 212 -1.84 14.13 17.71
C SER D 212 -3.36 14.07 17.54
N PHE D 213 -4.04 13.56 18.56
CA PHE D 213 -5.49 13.40 18.51
C PHE D 213 -6.22 14.51 19.27
N GLN D 214 -7.52 14.63 19.01
CA GLN D 214 -8.38 15.49 19.79
C GLN D 214 -9.12 14.63 20.81
N VAL D 215 -8.64 14.67 22.06
CA VAL D 215 -9.15 13.80 23.13
C VAL D 215 -10.67 13.93 23.30
N ASP D 216 -11.18 15.15 23.21
CA ASP D 216 -12.61 15.40 23.36
C ASP D 216 -13.42 14.67 22.28
N THR D 217 -12.86 14.60 21.08
CA THR D 217 -13.54 13.97 19.96
C THR D 217 -13.38 12.44 19.99
N VAL D 218 -12.16 11.99 20.24
CA VAL D 218 -11.85 10.56 20.26
C VAL D 218 -12.58 9.84 21.38
N ALA D 219 -12.60 10.45 22.56
CA ALA D 219 -13.26 9.84 23.72
C ALA D 219 -14.77 9.74 23.53
N TYR D 220 -15.33 10.71 22.82
CA TYR D 220 -16.76 10.72 22.54
C TYR D 220 -17.16 9.53 21.66
N HIS D 221 -16.27 9.15 20.76
CA HIS D 221 -16.51 8.03 19.86
C HIS D 221 -16.18 6.70 20.55
N LEU D 222 -15.30 6.75 21.54
CA LEU D 222 -14.91 5.57 22.30
C LEU D 222 -15.72 5.44 23.59
N SER D 223 -16.72 6.30 23.73
CA SER D 223 -17.54 6.32 24.95
C SER D 223 -18.42 5.09 25.05
N VAL D 224 -18.77 4.51 23.91
CA VAL D 224 -19.66 3.35 23.87
C VAL D 224 -18.94 2.08 24.31
N LEU D 225 -17.64 2.17 24.54
CA LEU D 225 -16.85 1.01 24.95
C LEU D 225 -16.91 0.81 26.46
N LYS D 226 -17.41 1.81 27.18
CA LYS D 226 -17.49 1.76 28.64
C LYS D 226 -18.49 0.72 29.18
N PRO D 227 -19.75 0.73 28.69
CA PRO D 227 -20.68 -0.22 29.31
C PRO D 227 -20.50 -1.66 28.84
N ILE D 228 -19.88 -1.86 27.68
CA ILE D 228 -19.73 -3.20 27.12
C ILE D 228 -18.52 -3.92 27.73
N PHE D 229 -17.49 -3.16 28.09
CA PHE D 229 -16.31 -3.72 28.73
C PHE D 229 -16.05 -3.09 30.11
N PRO D 230 -16.72 -3.60 31.14
CA PRO D 230 -16.58 -3.08 32.51
C PRO D 230 -15.48 -3.78 33.29
N HIS D 231 -14.66 -4.58 32.63
CA HIS D 231 -13.58 -5.30 33.29
C HIS D 231 -12.22 -4.86 32.76
N GLY D 232 -12.21 -4.25 31.59
CA GLY D 232 -10.97 -3.79 30.98
C GLY D 232 -10.86 -4.17 29.52
N ILE D 233 -9.93 -3.53 28.81
CA ILE D 233 -9.73 -3.80 27.39
C ILE D 233 -8.26 -3.99 27.05
N ASN D 234 -8.00 -4.83 26.06
CA ASN D 234 -6.65 -5.03 25.56
C ASN D 234 -6.41 -4.19 24.31
N VAL D 235 -5.88 -2.98 24.51
CA VAL D 235 -5.71 -2.03 23.43
C VAL D 235 -4.45 -2.27 22.61
N LEU D 236 -4.60 -2.33 21.29
CA LEU D 236 -3.47 -2.41 20.37
C LEU D 236 -3.34 -1.08 19.64
N SER D 237 -2.58 -0.16 20.22
CA SER D 237 -2.43 1.17 19.65
C SER D 237 -1.24 1.26 18.70
N LEU D 238 -1.53 1.49 17.43
CA LEU D 238 -0.49 1.65 16.42
C LEU D 238 -0.28 3.13 16.13
N PHE D 239 0.97 3.52 15.93
CA PHE D 239 1.34 4.93 15.76
C PHE D 239 0.78 5.75 16.93
N THR D 240 1.10 5.34 18.15
CA THR D 240 0.51 5.94 19.34
C THR D 240 0.92 7.41 19.53
N GLY D 241 2.12 7.75 19.08
CA GLY D 241 2.62 9.10 19.21
C GLY D 241 2.68 9.59 20.65
N ILE D 242 1.75 10.49 21.00
CA ILE D 242 1.67 11.02 22.36
C ILE D 242 0.66 10.19 23.14
N GLY D 243 -0.11 9.38 22.44
CA GLY D 243 -1.08 8.51 23.07
C GLY D 243 -2.40 9.22 23.34
N GLY D 244 -3.02 9.73 22.29
CA GLY D 244 -4.30 10.40 22.41
C GLY D 244 -5.39 9.44 22.85
N GLY D 245 -5.34 8.23 22.32
CA GLY D 245 -6.31 7.20 22.68
C GLY D 245 -6.22 6.78 24.12
N GLU D 246 -4.99 6.73 24.64
CA GLU D 246 -4.75 6.35 26.03
C GLU D 246 -5.27 7.42 26.99
N VAL D 247 -4.97 8.68 26.68
CA VAL D 247 -5.45 9.81 27.48
C VAL D 247 -6.97 9.86 27.46
N ALA D 248 -7.54 9.59 26.29
CA ALA D 248 -8.99 9.58 26.13
C ALA D 248 -9.62 8.48 26.98
N LEU D 249 -9.02 7.29 26.94
CA LEU D 249 -9.53 6.15 27.72
C LEU D 249 -9.39 6.39 29.22
N HIS D 250 -8.35 7.11 29.61
CA HIS D 250 -8.15 7.44 31.02
C HIS D 250 -9.22 8.40 31.52
N ARG D 251 -9.61 9.33 30.67
CA ARG D 251 -10.63 10.31 31.03
C ARG D 251 -12.04 9.74 30.85
N LEU D 252 -12.12 8.57 30.22
CA LEU D 252 -13.40 7.87 30.07
C LEU D 252 -13.62 6.89 31.21
N GLN D 253 -12.69 6.89 32.17
CA GLN D 253 -12.73 6.02 33.33
C GLN D 253 -12.85 4.55 32.93
N ILE D 254 -12.06 4.14 31.94
CA ILE D 254 -12.06 2.77 31.47
C ILE D 254 -10.74 2.08 31.83
N LYS D 255 -10.83 0.94 32.50
CA LYS D 255 -9.64 0.19 32.90
C LYS D 255 -8.92 -0.38 31.68
N MET D 256 -7.59 -0.30 31.69
CA MET D 256 -6.78 -0.78 30.58
C MET D 256 -5.94 -1.97 31.01
N LYS D 257 -6.37 -3.17 30.64
CA LYS D 257 -5.65 -4.40 30.97
C LYS D 257 -4.26 -4.42 30.34
N LEU D 258 -4.24 -4.53 29.01
CA LEU D 258 -2.98 -4.55 28.26
C LEU D 258 -2.98 -3.47 27.19
N VAL D 259 -1.85 -2.77 27.06
CA VAL D 259 -1.70 -1.74 26.04
C VAL D 259 -0.42 -1.97 25.23
N VAL D 260 -0.57 -2.50 24.02
CA VAL D 260 0.56 -2.72 23.13
C VAL D 260 0.70 -1.55 22.16
N SER D 261 1.63 -0.66 22.46
CA SER D 261 1.81 0.55 21.66
C SER D 261 3.00 0.44 20.72
N VAL D 262 2.90 1.09 19.56
CA VAL D 262 3.98 1.12 18.59
C VAL D 262 4.31 2.57 18.21
N GLU D 263 5.55 2.96 18.43
CA GLU D 263 6.00 4.32 18.12
C GLU D 263 7.48 4.33 17.74
N ILE D 264 7.79 4.93 16.60
CA ILE D 264 9.17 4.96 16.11
C ILE D 264 10.00 5.97 16.89
N SER D 265 9.34 6.93 17.52
CA SER D 265 10.03 7.97 18.28
C SER D 265 10.26 7.54 19.73
N LYS D 266 11.52 7.38 20.10
CA LYS D 266 11.89 7.01 21.46
C LYS D 266 11.52 8.13 22.43
N VAL D 267 11.48 9.36 21.92
CA VAL D 267 11.12 10.52 22.74
C VAL D 267 9.64 10.45 23.11
N ASN D 268 8.79 10.23 22.12
CA ASN D 268 7.35 10.09 22.35
C ASN D 268 7.04 8.83 23.15
N ARG D 269 7.92 7.84 23.04
CA ARG D 269 7.77 6.59 23.79
C ARG D 269 7.83 6.86 25.29
N ASN D 270 8.80 7.66 25.70
CA ASN D 270 8.95 8.02 27.11
C ASN D 270 7.78 8.87 27.59
N ILE D 271 7.23 9.70 26.70
CA ILE D 271 6.07 10.52 27.02
C ILE D 271 4.89 9.64 27.43
N LEU D 272 4.72 8.53 26.72
CA LEU D 272 3.69 7.55 27.07
C LEU D 272 4.06 6.84 28.36
N LYS D 273 5.35 6.64 28.58
CA LYS D 273 5.85 6.01 29.80
C LYS D 273 5.67 6.96 30.99
N ASP D 274 5.84 8.25 30.74
CA ASP D 274 5.64 9.27 31.75
C ASP D 274 4.20 9.25 32.24
N PHE D 275 3.26 9.36 31.30
CA PHE D 275 1.84 9.37 31.61
C PHE D 275 1.40 8.11 32.35
N TRP D 276 1.99 6.98 32.01
CA TRP D 276 1.63 5.70 32.61
C TRP D 276 2.06 5.64 34.08
N GLU D 277 3.18 6.28 34.39
CA GLU D 277 3.71 6.27 35.75
C GLU D 277 3.07 7.35 36.62
N GLN D 278 2.69 8.46 36.00
CA GLN D 278 2.07 9.57 36.72
C GLN D 278 0.60 9.30 37.02
N THR D 279 0.00 8.41 36.23
CA THR D 279 -1.40 8.06 36.39
C THR D 279 -1.55 6.90 37.38
N ASN D 280 -0.43 6.26 37.69
CA ASN D 280 -0.40 5.06 38.53
C ASN D 280 -1.35 3.99 37.99
N GLN D 281 -1.28 3.75 36.69
CA GLN D 281 -2.13 2.78 36.03
C GLN D 281 -1.80 1.36 36.50
N THR D 282 -2.83 0.56 36.73
CA THR D 282 -2.66 -0.79 37.26
C THR D 282 -2.28 -1.78 36.16
N GLY D 283 -2.67 -1.49 34.92
CA GLY D 283 -2.39 -2.37 33.81
C GLY D 283 -0.93 -2.39 33.40
N GLU D 284 -0.60 -3.16 32.38
CA GLU D 284 0.77 -3.25 31.89
C GLU D 284 0.91 -2.59 30.52
N LEU D 285 1.98 -1.82 30.35
CA LEU D 285 2.24 -1.15 29.08
C LEU D 285 3.45 -1.74 28.37
N ILE D 286 3.25 -2.21 27.14
CA ILE D 286 4.32 -2.75 26.33
C ILE D 286 4.56 -1.89 25.10
N GLU D 287 5.77 -1.38 24.96
CA GLU D 287 6.10 -0.45 23.87
C GLU D 287 7.01 -1.08 22.82
N PHE D 288 6.68 -0.85 21.56
CA PHE D 288 7.53 -1.27 20.45
C PHE D 288 7.97 -0.05 19.64
N SER D 289 8.89 -0.27 18.71
CA SER D 289 9.44 0.83 17.92
C SER D 289 8.88 0.88 16.50
N ASP D 290 9.44 0.06 15.62
CA ASP D 290 9.05 0.06 14.22
C ASP D 290 7.89 -0.90 13.94
N ILE D 291 6.80 -0.37 13.38
CA ILE D 291 5.64 -1.18 13.07
C ILE D 291 5.93 -2.12 11.91
N GLN D 292 6.96 -1.80 11.13
CA GLN D 292 7.36 -2.64 10.02
C GLN D 292 8.06 -3.90 10.51
N HIS D 293 8.80 -3.77 11.60
CA HIS D 293 9.50 -4.91 12.19
C HIS D 293 8.67 -5.58 13.27
N LEU D 294 7.39 -5.23 13.33
CA LEU D 294 6.47 -5.89 14.24
C LEU D 294 5.91 -7.14 13.59
N THR D 295 6.60 -8.26 13.77
CA THR D 295 6.24 -9.51 13.12
C THR D 295 4.90 -10.05 13.59
N ASN D 296 4.30 -10.92 12.77
CA ASN D 296 3.02 -11.52 13.09
C ASN D 296 3.12 -12.53 14.23
N ASP D 297 4.33 -13.04 14.44
CA ASP D 297 4.57 -14.05 15.46
C ASP D 297 4.47 -13.45 16.87
N THR D 298 5.10 -12.30 17.08
CA THR D 298 5.05 -11.64 18.37
C THR D 298 3.66 -11.07 18.64
N ILE D 299 2.93 -10.77 17.58
CA ILE D 299 1.54 -10.34 17.70
C ILE D 299 0.69 -11.51 18.18
N GLU D 300 0.93 -12.68 17.60
CA GLU D 300 0.22 -13.89 17.99
C GLU D 300 0.72 -14.37 19.36
N GLY D 301 1.91 -13.94 19.75
CA GLY D 301 2.47 -14.29 21.04
C GLY D 301 1.78 -13.54 22.16
N LEU D 302 1.62 -12.24 21.99
CA LEU D 302 0.90 -11.41 22.96
C LEU D 302 -0.58 -11.75 22.94
N MET D 303 -1.01 -12.36 21.84
CA MET D 303 -2.42 -12.68 21.62
C MET D 303 -2.93 -13.75 22.59
N GLU D 304 -2.14 -14.80 22.78
CA GLU D 304 -2.57 -15.95 23.56
C GLU D 304 -2.48 -15.75 25.06
N LYS D 305 -1.42 -15.08 25.50
CA LYS D 305 -1.19 -14.90 26.94
C LYS D 305 -2.20 -13.95 27.57
N TYR D 306 -2.41 -12.79 26.93
CA TYR D 306 -3.25 -11.75 27.50
C TYR D 306 -4.70 -11.83 27.02
N GLY D 307 -5.02 -12.88 26.28
CA GLY D 307 -6.38 -13.13 25.85
C GLY D 307 -6.89 -12.21 24.76
N GLY D 308 -6.20 -12.20 23.62
CA GLY D 308 -6.63 -11.44 22.46
C GLY D 308 -6.65 -9.94 22.66
N PHE D 309 -7.16 -9.23 21.65
CA PHE D 309 -7.26 -7.77 21.72
C PHE D 309 -8.71 -7.31 21.64
N ASP D 310 -9.03 -6.26 22.38
CA ASP D 310 -10.39 -5.72 22.41
C ASP D 310 -10.52 -4.52 21.48
N LEU D 311 -9.44 -3.76 21.34
CA LEU D 311 -9.47 -2.55 20.51
C LEU D 311 -8.14 -2.33 19.77
N VAL D 312 -8.26 -2.02 18.48
CA VAL D 312 -7.10 -1.66 17.68
C VAL D 312 -7.27 -0.25 17.14
N ILE D 313 -6.77 0.73 17.90
CA ILE D 313 -6.93 2.13 17.55
C ILE D 313 -5.59 2.75 17.14
N GLY D 314 -5.62 3.66 16.19
CA GLY D 314 -4.41 4.31 15.73
C GLY D 314 -4.59 5.09 14.44
N GLY D 315 -3.76 6.12 14.27
CA GLY D 315 -3.83 6.95 13.08
C GLY D 315 -2.54 6.92 12.27
N SER D 316 -2.68 6.67 10.97
CA SER D 316 -1.53 6.64 10.06
C SER D 316 -0.92 8.02 9.90
N PRO D 317 0.40 8.08 9.64
CA PRO D 317 1.09 9.35 9.35
C PRO D 317 0.43 10.13 8.22
N CYS D 318 0.35 11.45 8.36
CA CYS D 318 -0.31 12.29 7.36
C CYS D 318 0.67 13.29 6.75
N ASN D 319 1.95 12.97 6.79
CA ASN D 319 2.99 13.86 6.28
C ASN D 319 2.95 14.04 4.77
N ASN D 320 2.30 13.12 4.07
CA ASN D 320 2.16 13.22 2.62
C ASN D 320 0.74 13.49 2.18
N LEU D 321 -0.21 13.39 3.11
CA LEU D 321 -1.60 13.67 2.84
C LEU D 321 -1.95 15.10 3.25
N ALA D 322 -1.01 15.75 3.91
CA ALA D 322 -1.23 17.08 4.46
C ALA D 322 -1.21 18.16 3.39
N GLY D 323 -2.13 19.11 3.50
CA GLY D 323 -2.15 20.26 2.62
C GLY D 323 -1.01 21.21 2.95
N GLY D 324 -0.50 21.09 4.18
CA GLY D 324 0.59 21.94 4.63
C GLY D 324 1.93 21.57 4.02
N ASN D 325 2.01 20.37 3.45
CA ASN D 325 3.23 19.92 2.80
C ASN D 325 3.48 20.72 1.52
N ARG D 326 4.45 21.61 1.57
CA ARG D 326 4.71 22.55 0.48
C ARG D 326 5.91 22.12 -0.36
N VAL D 327 6.26 20.84 -0.25
CA VAL D 327 7.38 20.28 -1.02
C VAL D 327 7.03 18.91 -1.59
N SER D 328 6.64 17.98 -0.73
CA SER D 328 6.38 16.61 -1.15
C SER D 328 4.99 16.12 -0.76
N ARG D 329 3.99 16.44 -1.57
CA ARG D 329 2.63 15.99 -1.33
C ARG D 329 2.15 15.14 -2.51
N VAL D 330 2.47 13.85 -2.48
CA VAL D 330 2.10 12.95 -3.56
C VAL D 330 0.95 12.04 -3.14
N GLY D 331 0.54 12.16 -1.88
CA GLY D 331 -0.60 11.42 -1.38
C GLY D 331 -0.24 10.15 -0.64
N LEU D 332 -1.10 9.15 -0.74
CA LEU D 332 -0.90 7.87 -0.07
C LEU D 332 0.32 7.14 -0.63
N GLU D 333 0.73 7.53 -1.83
CA GLU D 333 1.92 6.97 -2.45
C GLU D 333 3.18 7.42 -1.73
N GLY D 334 3.05 8.44 -0.88
CA GLY D 334 4.17 8.98 -0.14
C GLY D 334 4.85 7.98 0.75
N ASP D 335 6.13 8.23 1.04
CA ASP D 335 6.95 7.29 1.82
C ASP D 335 6.39 7.04 3.22
N GLN D 336 6.05 8.12 3.91
CA GLN D 336 5.59 8.02 5.28
C GLN D 336 4.11 7.66 5.39
N SER D 337 3.30 8.20 4.48
CA SER D 337 1.86 7.98 4.52
C SER D 337 1.45 6.60 4.03
N SER D 338 2.37 5.91 3.34
CA SER D 338 2.08 4.57 2.84
C SER D 338 2.17 3.53 3.94
N LEU D 339 2.44 3.98 5.16
CA LEU D 339 2.49 3.08 6.32
C LEU D 339 1.08 2.73 6.79
N PHE D 340 0.08 3.24 6.08
CA PHE D 340 -1.31 2.92 6.36
C PHE D 340 -1.57 1.43 6.15
N PHE D 341 -0.94 0.85 5.13
CA PHE D 341 -1.15 -0.55 4.80
C PHE D 341 -0.56 -1.47 5.87
N GLU D 342 0.33 -0.93 6.69
CA GLU D 342 0.89 -1.66 7.81
C GLU D 342 -0.17 -1.83 8.89
N TYR D 343 -1.00 -0.80 9.06
CA TYR D 343 -2.11 -0.84 9.99
C TYR D 343 -3.11 -1.92 9.59
N CYS D 344 -3.32 -2.08 8.29
CA CYS D 344 -4.23 -3.09 7.77
C CYS D 344 -3.69 -4.50 7.96
N ARG D 345 -2.36 -4.63 7.89
CA ARG D 345 -1.72 -5.93 8.08
C ARG D 345 -1.88 -6.42 9.50
N ILE D 346 -1.58 -5.55 10.46
CA ILE D 346 -1.73 -5.89 11.88
C ILE D 346 -3.17 -6.20 12.21
N LEU D 347 -4.09 -5.46 11.59
CA LEU D 347 -5.51 -5.66 11.78
C LEU D 347 -5.95 -7.02 11.26
N GLU D 348 -5.43 -7.41 10.10
CA GLU D 348 -5.82 -8.67 9.48
C GLU D 348 -5.31 -9.87 10.30
N VAL D 349 -4.16 -9.71 10.92
CA VAL D 349 -3.59 -10.75 11.75
C VAL D 349 -4.39 -10.94 13.04
N VAL D 350 -4.81 -9.82 13.63
CA VAL D 350 -5.54 -9.87 14.88
C VAL D 350 -7.00 -10.29 14.66
N ARG D 351 -7.49 -10.12 13.44
CA ARG D 351 -8.84 -10.56 13.11
C ARG D 351 -8.87 -12.04 12.75
N ALA D 352 -7.69 -12.59 12.50
CA ALA D 352 -7.58 -13.99 12.09
C ALA D 352 -7.89 -14.93 13.25
N ARG D 353 -7.53 -14.53 14.46
CA ARG D 353 -7.72 -15.38 15.63
C ARG D 353 -9.02 -15.04 16.38
N MET D 354 -9.48 -13.80 16.22
CA MET D 354 -10.71 -13.37 16.87
C MET D 354 -11.96 -13.87 16.16
N ARG D 355 -11.76 -14.59 15.05
CA ARG D 355 -12.87 -15.15 14.28
C ARG D 355 -13.31 -16.48 14.85
P C49 F 10 -4.23 19.72 8.09
O1P C49 F 10 -4.32 19.54 6.59
O2P C49 F 10 -5.13 18.72 8.77
O5' C49 F 10 -2.74 19.53 8.58
C5' C49 F 10 -2.26 18.22 8.79
C4' C49 F 10 -1.85 18.04 10.22
O4' C49 F 10 -2.77 16.89 10.89
C3' C49 F 10 -0.62 17.64 10.32
O3' C49 F 10 0.31 18.79 10.56
C2' C49 F 10 -0.60 16.70 11.56
C1' C49 F 10 -2.07 16.40 11.88
N1 C49 F 10 -2.30 14.97 11.99
C2 C49 F 10 -3.39 14.47 12.89
O2 C49 F 10 -4.08 15.26 13.50
N3 C49 F 10 -3.65 13.01 13.02
C4 C49 F 10 -2.85 12.07 12.32
N4 C49 F 10 -3.08 10.78 12.43
C5 C49 F 10 -1.74 12.56 11.41
C6 C49 F 10 -1.49 14.05 11.27
CM5 C49 F 10 -0.33 11.83 11.82
F C49 F 10 -1.93 12.04 10.20
N SAH G . 0.50 -9.84 -18.06
CA SAH G . 1.11 -10.50 -16.92
CB SAH G . 1.32 -9.53 -15.77
CG SAH G . 0.27 -8.43 -15.70
SD SAH G . 0.74 -7.08 -14.60
C SAH G . 0.33 -11.74 -16.49
O SAH G . 0.01 -12.60 -17.31
OXT SAH G . -0.01 -11.91 -15.32
C5' SAH G . 0.42 -5.88 -15.92
C4' SAH G . -1.05 -5.87 -16.30
O4' SAH G . -1.84 -5.36 -15.23
C3' SAH G . -1.30 -4.96 -17.50
O3' SAH G . -1.65 -5.75 -18.61
C2' SAH G . -2.46 -4.08 -17.10
O2' SAH G . -3.50 -4.18 -18.05
C1' SAH G . -2.92 -4.62 -15.76
N9 SAH G . -3.34 -3.52 -14.87
C8 SAH G . -2.67 -2.35 -14.66
N7 SAH G . -3.38 -1.60 -13.80
C5 SAH G . -4.50 -2.26 -13.46
C6 SAH G . -5.57 -1.95 -12.63
N6 SAH G . -5.59 -0.79 -11.97
N1 SAH G . -6.60 -2.85 -12.47
C2 SAH G . -6.57 -4.05 -13.15
N3 SAH G . -5.51 -4.35 -13.98
C4 SAH G . -4.49 -3.48 -14.14
N SAH H . 0.13 11.20 17.61
CA SAH H . -1.06 10.72 16.92
CB SAH H . -0.72 10.31 15.48
CG SAH H . 0.59 9.56 15.34
SD SAH H . 0.91 9.02 13.64
C SAH H . -1.71 9.56 17.68
O SAH H . -1.96 9.67 18.88
OXT SAH H . -2.01 8.51 17.12
C5' SAH H . 2.49 9.90 13.66
C4' SAH H . 3.50 9.19 14.56
O4' SAH H . 3.81 7.91 14.03
C3' SAH H . 4.82 9.96 14.64
O3' SAH H . 4.93 10.56 15.91
C2' SAH H . 5.90 8.91 14.47
O2' SAH H . 6.73 8.88 15.59
C1' SAH H . 5.16 7.59 14.31
N9 SAH H . 5.77 6.78 13.25
C8 SAH H . 6.30 7.27 12.07
N7 SAH H . 6.77 6.23 11.35
C5 SAH H . 6.56 5.09 12.04
C6 SAH H . 6.84 3.75 11.77
N6 SAH H . 7.44 3.42 10.62
N1 SAH H . 6.49 2.78 12.67
C2 SAH H . 5.87 3.13 13.85
N3 SAH H . 5.59 4.46 14.12
C4 SAH H . 5.92 5.42 13.23
P TMP I . 25.73 32.35 13.42
O1P TMP I . 24.67 33.31 13.79
O2P TMP I . 25.95 32.01 12.00
O5' TMP I . 25.51 30.98 14.23
C5' TMP I . 24.41 30.86 15.11
C4' TMP I . 24.51 29.57 15.93
O4' TMP I . 24.35 28.44 15.07
C3' TMP I . 25.85 29.36 16.62
O3' TMP I . 25.80 29.83 17.96
C2' TMP I . 26.07 27.84 16.56
C1' TMP I . 24.89 27.32 15.74
N1 TMP I . 25.27 26.29 14.71
C2 TMP I . 24.82 25.01 14.87
O2 TMP I . 24.12 24.64 15.80
N3 TMP I . 25.22 24.15 13.88
C4 TMP I . 26.02 24.44 12.79
O4 TMP I . 26.33 23.58 11.96
C5 TMP I . 26.45 25.81 12.69
C5M TMP I . 27.32 26.24 11.54
C6 TMP I . 26.07 26.66 13.65
#